data_4BVT
#
_entry.id   4BVT
#
_cell.length_a   129.230
_cell.length_b   129.230
_cell.length_c   233.791
_cell.angle_alpha   90.00
_cell.angle_beta   90.00
_cell.angle_gamma   120.00
#
_symmetry.space_group_name_H-M   'H 3 2'
#
loop_
_entity.id
_entity.type
_entity.pdbx_description
1 polymer 'CYANURIC ACID AMIDOHYDROLASE'
2 non-polymer 'MAGNESIUM ION'
3 non-polymer 'BARBITURIC ACID'
4 non-polymer DI(HYDROXYETHYL)ETHER
5 water water
#
_entity_poly.entity_id   1
_entity_poly.type   'polypeptide(L)'
_entity_poly.pdbx_seq_one_letter_code
;MGSSHHHHHHSSGLVPRGSHMYHIDVFRIPCHSPGDTSGLEDLIETGRVAPADIVAVMGKTEGNGCVNDYTREYATAMLA
ACLGRHLQLPPHEVEKRVAFVMSGGTEGVLSPHHTVFARRPAIDAHRPAGKRLTLGIAFTRDFLPEEIGRHAQITETAGA
VKRAMRDAGIASIDDLHFVQVKCPLLTPAKIASARSRGCAPVTTDTYESMGYSRGASALGIALATEEVPSSMLVDESVLN
DWSLSSSLASASAGIELEHNVVIAIGMSEQATSELVIAHGVMSDAIDAASVRRTIESLGIRSDDEMDRIVNVFAKAEASP
DGVVRGMRHTMLSDSDINSTRHARAVTGAAIASVVGHGMVYVSGGAEHQGPAGGGPFAVIARA
;
_entity_poly.pdbx_strand_id   A,B
#
loop_
_chem_comp.id
_chem_comp.type
_chem_comp.name
_chem_comp.formula
BR8 non-polymer 'BARBITURIC ACID' 'C4 H4 N2 O3'
MG non-polymer 'MAGNESIUM ION' 'Mg 2'
PEG non-polymer DI(HYDROXYETHYL)ETHER 'C4 H10 O3'
#
# COMPACT_ATOMS: atom_id res chain seq x y z
N HIS A 20 -42.14 3.60 3.05
CA HIS A 20 -40.77 3.08 2.73
C HIS A 20 -40.40 3.24 1.26
N MET A 21 -40.56 4.47 0.79
CA MET A 21 -40.24 4.84 -0.58
C MET A 21 -39.38 6.10 -0.54
N TYR A 22 -38.18 6.02 -1.10
CA TYR A 22 -37.16 7.05 -0.87
C TYR A 22 -36.44 7.54 -2.11
N HIS A 23 -35.96 8.77 -2.02
CA HIS A 23 -34.97 9.31 -2.96
C HIS A 23 -33.68 9.56 -2.19
N ILE A 24 -32.62 8.86 -2.59
CA ILE A 24 -31.33 8.94 -1.90
C ILE A 24 -30.34 9.79 -2.69
N ASP A 25 -29.67 10.68 -1.97
CA ASP A 25 -28.56 11.46 -2.50
C ASP A 25 -27.31 11.08 -1.74
N VAL A 26 -26.21 10.94 -2.47
CA VAL A 26 -24.93 10.57 -1.86
C VAL A 26 -23.86 11.55 -2.32
N PHE A 27 -23.12 12.09 -1.35
CA PHE A 27 -22.07 13.07 -1.62
C PHE A 27 -20.74 12.65 -1.02
N ARG A 28 -19.74 12.52 -1.87
CA ARG A 28 -18.37 12.33 -1.41
C ARG A 28 -17.75 13.69 -1.23
N ILE A 29 -17.40 14.03 0.00
CA ILE A 29 -16.78 15.35 0.31
C ILE A 29 -15.41 15.21 0.98
N PRO A 30 -14.42 15.98 0.49
CA PRO A 30 -13.08 15.88 1.07
C PRO A 30 -12.93 16.53 2.44
N CYS A 31 -12.04 15.97 3.23
CA CYS A 31 -11.65 16.53 4.52
C CYS A 31 -10.19 16.96 4.46
N HIS A 32 -9.93 18.17 4.90
CA HIS A 32 -8.54 18.64 5.01
C HIS A 32 -7.97 18.09 6.30
N SER A 33 -8.87 17.79 7.24
CA SER A 33 -8.49 17.21 8.52
C SER A 33 -9.74 16.55 9.12
N PRO A 34 -9.58 15.78 10.23
CA PRO A 34 -10.70 15.03 10.82
C PRO A 34 -11.87 15.92 11.28
N GLY A 35 -11.53 17.08 11.83
CA GLY A 35 -12.52 18.04 12.27
C GLY A 35 -13.16 18.89 11.19
N ASP A 36 -12.64 18.84 9.96
CA ASP A 36 -13.09 19.71 8.86
C ASP A 36 -14.50 19.38 8.40
N THR A 37 -15.42 20.33 8.57
CA THR A 37 -16.83 20.17 8.13
C THR A 37 -17.22 21.08 6.95
N SER A 38 -16.24 21.80 6.41
CA SER A 38 -16.50 22.82 5.39
C SER A 38 -17.08 22.22 4.12
N GLY A 39 -16.70 20.99 3.81
CA GLY A 39 -17.28 20.26 2.68
C GLY A 39 -18.78 20.16 2.85
N LEU A 40 -19.21 19.90 4.08
CA LEU A 40 -20.62 19.76 4.41
C LEU A 40 -21.34 21.10 4.55
N GLU A 41 -20.71 22.06 5.24
CA GLU A 41 -21.29 23.42 5.39
C GLU A 41 -21.61 23.98 4.02
N ASP A 42 -20.74 23.67 3.06
CA ASP A 42 -20.94 24.06 1.68
C ASP A 42 -22.20 23.41 1.07
N LEU A 43 -22.25 22.09 1.07
CA LEU A 43 -23.42 21.37 0.56
C LEU A 43 -24.73 21.94 1.07
N ILE A 44 -24.76 22.29 2.34
CA ILE A 44 -25.94 22.89 2.95
C ILE A 44 -26.16 24.29 2.38
N GLU A 45 -25.16 25.17 2.56
CA GLU A 45 -25.28 26.59 2.16
C GLU A 45 -25.59 26.79 0.68
N THR A 46 -25.09 25.90 -0.17
CA THR A 46 -25.41 25.95 -1.62
C THR A 46 -26.68 25.16 -1.97
N GLY A 47 -27.47 24.81 -0.97
CA GLY A 47 -28.80 24.18 -1.16
C GLY A 47 -28.85 22.78 -1.76
N ARG A 48 -27.71 22.10 -1.79
CA ARG A 48 -27.61 20.79 -2.45
C ARG A 48 -28.07 19.63 -1.57
N VAL A 49 -28.15 19.86 -0.27
CA VAL A 49 -28.71 18.88 0.66
C VAL A 49 -29.36 19.59 1.84
N ALA A 50 -30.40 18.97 2.38
CA ALA A 50 -31.09 19.48 3.56
C ALA A 50 -30.62 18.73 4.83
N PRO A 51 -30.11 19.49 5.83
CA PRO A 51 -29.65 18.91 7.10
C PRO A 51 -30.61 17.89 7.72
N ALA A 52 -31.90 18.17 7.59
CA ALA A 52 -32.93 17.26 8.10
C ALA A 52 -32.94 15.92 7.35
N ASP A 53 -32.64 15.95 6.06
CA ASP A 53 -32.70 14.74 5.23
C ASP A 53 -31.55 13.77 5.47
N ILE A 54 -30.46 14.27 6.03
CA ILE A 54 -29.25 13.45 6.21
C ILE A 54 -29.52 12.36 7.23
N VAL A 55 -29.25 11.13 6.81
CA VAL A 55 -29.59 9.95 7.59
C VAL A 55 -28.36 9.12 7.99
N ALA A 56 -27.26 9.32 7.28
CA ALA A 56 -26.02 8.58 7.55
C ALA A 56 -24.79 9.27 7.01
N VAL A 57 -23.67 9.06 7.68
CA VAL A 57 -22.36 9.54 7.19
C VAL A 57 -21.28 8.48 7.38
N MET A 58 -20.54 8.19 6.32
CA MET A 58 -19.46 7.20 6.36
C MET A 58 -18.14 7.89 6.08
N GLY A 59 -17.33 8.02 7.12
CA GLY A 59 -16.07 8.75 7.02
C GLY A 59 -14.82 7.89 6.98
N LYS A 60 -13.79 8.43 6.32
CA LYS A 60 -12.42 7.96 6.45
C LYS A 60 -11.62 9.05 7.15
N THR A 61 -11.17 8.77 8.36
CA THR A 61 -10.37 9.75 9.11
C THR A 61 -8.91 9.32 9.21
N GLU A 62 -8.03 10.28 9.42
CA GLU A 62 -6.59 10.05 9.27
C GLU A 62 -5.85 9.72 10.57
N GLY A 63 -6.56 9.15 11.52
CA GLY A 63 -5.91 8.48 12.63
C GLY A 63 -5.39 7.14 12.14
N ASN A 64 -4.96 6.30 13.08
CA ASN A 64 -4.37 5.00 12.73
C ASN A 64 -5.40 3.92 12.47
N GLY A 65 -6.66 4.24 12.74
CA GLY A 65 -7.75 3.27 12.55
C GLY A 65 -7.69 2.08 13.48
N CYS A 66 -6.93 2.22 14.57
CA CYS A 66 -6.73 1.14 15.50
C CYS A 66 -7.41 1.47 16.84
N VAL A 67 -6.81 1.14 17.96
CA VAL A 67 -7.49 1.30 19.26
C VAL A 67 -7.55 2.79 19.64
N ASN A 68 -6.38 3.40 19.76
CA ASN A 68 -6.24 4.81 20.15
C ASN A 68 -6.41 5.78 18.99
N ASP A 69 -7.50 5.65 18.26
CA ASP A 69 -7.86 6.60 17.21
C ASP A 69 -9.04 7.46 17.65
N TYR A 70 -8.72 8.70 17.99
CA TYR A 70 -9.74 9.65 18.40
C TYR A 70 -10.16 10.56 17.27
N THR A 71 -9.58 10.36 16.09
CA THR A 71 -10.00 11.11 14.91
C THR A 71 -11.43 10.73 14.52
N ARG A 72 -11.82 9.48 14.79
CA ARG A 72 -13.16 9.00 14.43
C ARG A 72 -14.21 9.72 15.27
N GLU A 73 -13.99 9.70 16.57
CA GLU A 73 -14.86 10.37 17.54
C GLU A 73 -14.96 11.86 17.22
N TYR A 74 -13.79 12.48 17.05
CA TYR A 74 -13.66 13.91 16.75
C TYR A 74 -14.45 14.32 15.51
N ALA A 75 -14.28 13.57 14.43
CA ALA A 75 -15.01 13.84 13.19
C ALA A 75 -16.50 13.86 13.46
N THR A 76 -16.99 12.83 14.15
CA THR A 76 -18.41 12.76 14.50
C THR A 76 -18.86 13.96 15.33
N ALA A 77 -18.05 14.32 16.31
CA ALA A 77 -18.39 15.41 17.23
C ALA A 77 -18.67 16.70 16.46
N MET A 78 -17.82 16.99 15.49
CA MET A 78 -17.92 18.23 14.73
C MET A 78 -19.05 18.18 13.72
N LEU A 79 -19.23 17.02 13.09
CA LEU A 79 -20.35 16.83 12.18
C LEU A 79 -21.65 16.97 12.94
N ALA A 80 -21.75 16.22 14.03
CA ALA A 80 -22.92 16.28 14.89
C ALA A 80 -23.20 17.72 15.27
N ALA A 81 -22.20 18.41 15.79
CA ALA A 81 -22.35 19.81 16.23
C ALA A 81 -22.72 20.77 15.08
N CYS A 82 -22.24 20.46 13.88
CA CYS A 82 -22.59 21.25 12.69
C CYS A 82 -24.06 21.07 12.34
N LEU A 83 -24.49 19.83 12.15
CA LEU A 83 -25.91 19.54 11.96
C LEU A 83 -26.75 19.96 13.17
N GLY A 84 -26.12 19.94 14.35
CA GLY A 84 -26.76 20.38 15.58
C GLY A 84 -27.19 21.83 15.54
N ARG A 85 -26.31 22.69 15.04
CA ARG A 85 -26.64 24.11 14.83
C ARG A 85 -27.85 24.25 13.92
N HIS A 86 -27.76 23.65 12.74
CA HIS A 86 -28.81 23.74 11.70
C HIS A 86 -30.16 23.17 12.10
N LEU A 87 -30.18 22.05 12.81
CA LEU A 87 -31.44 21.45 13.27
C LEU A 87 -31.84 21.91 14.66
N GLN A 88 -31.06 22.81 15.23
CA GLN A 88 -31.23 23.24 16.63
C GLN A 88 -31.49 22.04 17.53
N LEU A 89 -30.54 21.11 17.52
CA LEU A 89 -30.51 19.98 18.44
C LEU A 89 -29.15 19.93 19.14
N PRO A 90 -29.12 19.28 20.30
CA PRO A 90 -27.82 18.92 20.88
C PRO A 90 -27.06 17.93 19.97
N PRO A 91 -25.73 18.00 19.97
CA PRO A 91 -24.98 17.06 19.14
C PRO A 91 -25.28 15.60 19.49
N HIS A 92 -25.30 15.29 20.79
CA HIS A 92 -25.60 13.94 21.29
C HIS A 92 -26.99 13.47 20.81
N GLU A 93 -27.87 14.42 20.53
CA GLU A 93 -29.19 14.11 19.96
C GLU A 93 -29.09 13.75 18.46
N VAL A 94 -28.32 14.54 17.73
CA VAL A 94 -28.12 14.31 16.28
C VAL A 94 -27.57 12.90 16.01
N GLU A 95 -26.74 12.42 16.93
CA GLU A 95 -26.10 11.11 16.78
C GLU A 95 -27.08 9.94 16.89
N LYS A 96 -28.18 10.15 17.61
CA LYS A 96 -29.27 9.16 17.67
C LYS A 96 -30.03 9.14 16.35
N ARG A 97 -30.12 10.32 15.77
CA ARG A 97 -30.89 10.55 14.56
C ARG A 97 -30.15 10.06 13.31
N VAL A 98 -28.85 10.39 13.26
CA VAL A 98 -27.99 10.08 12.11
C VAL A 98 -26.98 8.96 12.44
N ALA A 99 -26.76 8.06 11.49
CA ALA A 99 -25.78 6.99 11.64
C ALA A 99 -24.40 7.47 11.21
N PHE A 100 -23.59 7.88 12.19
CA PHE A 100 -22.19 8.21 11.94
C PHE A 100 -21.29 6.97 12.02
N VAL A 101 -20.61 6.68 10.92
CA VAL A 101 -19.65 5.60 10.86
C VAL A 101 -18.30 6.13 10.37
N MET A 102 -17.38 6.27 11.30
CA MET A 102 -16.06 6.79 11.01
C MET A 102 -15.04 5.65 11.07
N SER A 103 -14.48 5.32 9.92
CA SER A 103 -13.40 4.37 9.81
C SER A 103 -12.08 5.13 9.73
N GLY A 104 -11.21 4.91 10.70
CA GLY A 104 -9.90 5.55 10.73
C GLY A 104 -8.91 4.83 9.83
N GLY A 105 -7.71 5.38 9.73
CA GLY A 105 -6.67 4.75 8.95
C GLY A 105 -6.82 5.09 7.49
N THR A 106 -6.02 6.05 7.05
CA THR A 106 -5.96 6.45 5.64
C THR A 106 -4.53 6.37 5.17
N GLU A 107 -4.07 5.15 4.99
CA GLU A 107 -2.67 4.89 4.62
C GLU A 107 -2.46 4.87 3.13
N GLY A 108 -1.22 5.10 2.75
CA GLY A 108 -0.84 5.15 1.35
C GLY A 108 -1.57 6.31 0.70
N VAL A 109 -2.29 6.01 -0.37
CA VAL A 109 -2.92 7.07 -1.17
C VAL A 109 -4.34 7.41 -0.69
N LEU A 110 -4.82 6.64 0.28
CA LEU A 110 -6.14 6.87 0.86
C LEU A 110 -6.31 8.32 1.29
N SER A 111 -7.31 8.99 0.73
CA SER A 111 -7.58 10.40 1.02
C SER A 111 -8.74 10.53 1.98
N PRO A 112 -8.54 11.23 3.11
CA PRO A 112 -9.62 11.41 4.07
C PRO A 112 -10.82 12.12 3.48
N HIS A 113 -12.01 11.63 3.83
CA HIS A 113 -13.25 12.17 3.29
C HIS A 113 -14.45 11.65 4.07
N HIS A 114 -15.60 12.30 3.86
CA HIS A 114 -16.90 11.80 4.31
C HIS A 114 -17.75 11.44 3.10
N THR A 115 -18.60 10.44 3.28
CA THR A 115 -19.59 10.10 2.28
C THR A 115 -20.91 10.35 2.97
N VAL A 116 -21.64 11.36 2.52
CA VAL A 116 -22.88 11.78 3.17
C VAL A 116 -24.09 11.21 2.45
N PHE A 117 -25.01 10.68 3.23
CA PHE A 117 -26.23 10.08 2.71
C PHE A 117 -27.46 10.85 3.18
N ALA A 118 -28.28 11.23 2.21
CA ALA A 118 -29.50 11.98 2.51
C ALA A 118 -30.67 11.22 1.94
N ARG A 119 -31.75 11.22 2.71
CA ARG A 119 -32.94 10.45 2.36
C ARG A 119 -34.14 11.37 2.40
N ARG A 120 -34.81 11.48 1.25
CA ARG A 120 -36.04 12.25 1.13
C ARG A 120 -37.11 11.23 0.81
N PRO A 121 -38.37 11.53 1.19
CA PRO A 121 -39.42 10.60 0.79
C PRO A 121 -39.38 10.46 -0.73
N ALA A 122 -39.83 9.31 -1.22
CA ALA A 122 -39.82 9.03 -2.64
C ALA A 122 -40.22 10.33 -3.36
N ILE A 123 -39.23 10.93 -4.01
CA ILE A 123 -39.46 12.08 -4.87
C ILE A 123 -40.56 11.56 -5.79
N ASP A 124 -41.79 11.94 -5.42
CA ASP A 124 -42.98 11.68 -6.21
C ASP A 124 -42.81 12.46 -7.50
N ALA A 125 -43.07 11.77 -8.60
CA ALA A 125 -42.92 12.29 -9.95
C ALA A 125 -42.37 11.08 -10.67
N HIS A 126 -41.70 11.34 -11.79
CA HIS A 126 -41.12 10.26 -12.59
C HIS A 126 -40.07 9.49 -11.80
N ARG A 127 -39.93 8.25 -12.23
CA ARG A 127 -39.18 7.23 -11.52
C ARG A 127 -38.96 6.18 -12.58
N PRO A 128 -37.71 5.78 -12.83
CA PRO A 128 -37.53 5.05 -14.06
C PRO A 128 -37.60 3.56 -13.88
N ALA A 129 -37.60 2.86 -15.00
CA ALA A 129 -37.67 1.40 -15.02
C ALA A 129 -36.34 0.84 -14.53
N GLY A 130 -36.42 -0.09 -13.60
CA GLY A 130 -35.23 -0.67 -12.99
C GLY A 130 -35.11 -0.18 -11.57
N LYS A 131 -34.48 -0.99 -10.73
CA LYS A 131 -34.30 -0.67 -9.32
C LYS A 131 -33.32 0.47 -9.16
N ARG A 132 -33.32 1.05 -7.96
CA ARG A 132 -32.43 2.14 -7.61
C ARG A 132 -31.91 1.99 -6.20
N LEU A 133 -30.95 2.83 -5.87
CA LEU A 133 -30.32 2.83 -4.57
C LEU A 133 -31.30 3.17 -3.44
N THR A 134 -31.29 2.33 -2.41
CA THR A 134 -31.97 2.65 -1.17
C THR A 134 -31.04 2.33 -0.02
N LEU A 135 -31.42 2.83 1.15
CA LEU A 135 -30.57 2.77 2.32
C LEU A 135 -31.40 2.90 3.58
N GLY A 136 -31.03 2.14 4.61
CA GLY A 136 -31.71 2.17 5.90
C GLY A 136 -30.72 1.89 7.01
N ILE A 137 -31.03 2.37 8.21
CA ILE A 137 -30.10 2.26 9.34
C ILE A 137 -30.73 1.56 10.54
N ALA A 138 -29.92 1.31 11.55
CA ALA A 138 -30.37 0.62 12.77
C ALA A 138 -29.27 0.67 13.83
N PHE A 139 -29.67 0.59 15.09
CA PHE A 139 -28.73 0.58 16.21
C PHE A 139 -29.03 -0.60 17.08
N THR A 140 -28.02 -1.10 17.79
CA THR A 140 -28.26 -2.10 18.83
C THR A 140 -28.13 -1.44 20.17
N ARG A 141 -28.50 -2.17 21.21
CA ARG A 141 -28.21 -1.75 22.56
C ARG A 141 -26.70 -1.69 22.78
N ASP A 142 -26.31 -1.02 23.86
CA ASP A 142 -24.93 -1.04 24.31
C ASP A 142 -24.58 -2.47 24.73
N PHE A 143 -23.30 -2.81 24.57
CA PHE A 143 -22.80 -4.12 24.94
C PHE A 143 -21.97 -4.03 26.20
N LEU A 144 -21.98 -5.09 26.98
CA LEU A 144 -21.06 -5.22 28.09
C LEU A 144 -19.72 -5.67 27.50
N PRO A 145 -18.60 -5.27 28.13
CA PRO A 145 -17.27 -5.72 27.68
C PRO A 145 -17.21 -7.23 27.37
N GLU A 146 -17.75 -8.04 28.28
CA GLU A 146 -17.73 -9.50 28.14
C GLU A 146 -18.61 -10.03 27.01
N GLU A 147 -19.51 -9.21 26.48
CA GLU A 147 -20.37 -9.62 25.36
C GLU A 147 -19.70 -9.46 23.99
N ILE A 148 -18.64 -8.66 23.94
CA ILE A 148 -18.00 -8.31 22.68
C ILE A 148 -17.27 -9.51 22.10
N GLY A 149 -17.48 -9.72 20.80
CA GLY A 149 -16.88 -10.84 20.08
C GLY A 149 -17.58 -12.17 20.35
N ARG A 150 -18.80 -12.08 20.88
CA ARG A 150 -19.52 -13.25 21.37
C ARG A 150 -21.00 -13.28 20.97
N HIS A 151 -21.71 -14.33 21.39
CA HIS A 151 -23.10 -14.60 21.01
C HIS A 151 -23.97 -13.34 21.02
N ALA A 152 -24.01 -12.68 22.17
CA ALA A 152 -24.81 -11.46 22.35
C ALA A 152 -24.66 -10.52 21.14
N GLN A 153 -23.41 -10.19 20.83
CA GLN A 153 -23.11 -9.26 19.73
C GLN A 153 -23.52 -9.82 18.37
N ILE A 154 -23.39 -11.12 18.20
CA ILE A 154 -23.75 -11.75 16.91
C ILE A 154 -25.25 -11.64 16.67
N THR A 155 -26.02 -12.11 17.64
CA THR A 155 -27.48 -12.12 17.53
C THR A 155 -28.09 -10.72 17.52
N GLU A 156 -27.59 -9.83 18.38
CA GLU A 156 -28.10 -8.45 18.42
C GLU A 156 -27.87 -7.72 17.10
N THR A 157 -26.72 -7.99 16.47
CA THR A 157 -26.38 -7.39 15.17
C THR A 157 -27.32 -7.90 14.09
N ALA A 158 -27.48 -9.21 14.02
CA ALA A 158 -28.40 -9.84 13.07
C ALA A 158 -29.76 -9.16 13.10
N GLY A 159 -30.29 -9.00 14.31
CA GLY A 159 -31.56 -8.30 14.53
C GLY A 159 -31.59 -6.88 13.98
N ALA A 160 -30.49 -6.14 14.17
CA ALA A 160 -30.35 -4.76 13.65
C ALA A 160 -30.31 -4.73 12.12
N VAL A 161 -29.68 -5.73 11.54
CA VAL A 161 -29.59 -5.87 10.08
C VAL A 161 -30.98 -5.97 9.45
N LYS A 162 -31.83 -6.81 10.04
CA LYS A 162 -33.24 -6.97 9.60
C LYS A 162 -34.02 -5.66 9.70
N ARG A 163 -33.93 -5.01 10.85
CA ARG A 163 -34.56 -3.71 11.04
C ARG A 163 -34.06 -2.70 10.01
N ALA A 164 -32.78 -2.78 9.69
CA ALA A 164 -32.14 -1.85 8.77
C ALA A 164 -32.62 -2.05 7.34
N MET A 165 -32.83 -3.32 6.97
CA MET A 165 -33.40 -3.63 5.66
C MET A 165 -34.82 -3.13 5.53
N ARG A 166 -35.60 -3.36 6.58
CA ARG A 166 -36.98 -2.89 6.67
C ARG A 166 -36.99 -1.39 6.51
N ASP A 167 -36.18 -0.71 7.32
CA ASP A 167 -36.03 0.74 7.21
C ASP A 167 -35.73 1.15 5.78
N ALA A 168 -34.82 0.42 5.15
CA ALA A 168 -34.36 0.71 3.80
C ALA A 168 -35.42 0.47 2.72
N GLY A 169 -36.40 -0.36 3.03
CA GLY A 169 -37.39 -0.79 2.03
C GLY A 169 -36.76 -1.79 1.07
N ILE A 170 -35.94 -2.68 1.62
CA ILE A 170 -35.27 -3.72 0.82
C ILE A 170 -36.09 -5.00 0.91
N ALA A 171 -36.55 -5.44 -0.26
CA ALA A 171 -37.49 -6.55 -0.37
C ALA A 171 -36.86 -7.87 0.07
N SER A 172 -35.83 -8.29 -0.64
CA SER A 172 -35.17 -9.57 -0.37
C SER A 172 -33.67 -9.43 -0.20
N ILE A 173 -33.04 -10.50 0.28
CA ILE A 173 -31.59 -10.57 0.42
C ILE A 173 -30.92 -10.29 -0.94
N ASP A 174 -31.58 -10.70 -2.02
CA ASP A 174 -31.13 -10.41 -3.39
C ASP A 174 -30.84 -8.93 -3.62
N ASP A 175 -31.69 -8.09 -3.05
CA ASP A 175 -31.64 -6.65 -3.28
C ASP A 175 -30.68 -5.94 -2.34
N LEU A 176 -30.15 -6.71 -1.39
CA LEU A 176 -29.16 -6.20 -0.44
C LEU A 176 -27.77 -6.30 -1.08
N HIS A 177 -27.02 -5.20 -1.01
CA HIS A 177 -25.68 -5.13 -1.62
C HIS A 177 -24.53 -4.76 -0.70
N PHE A 178 -24.83 -4.23 0.49
CA PHE A 178 -23.79 -3.77 1.41
C PHE A 178 -24.36 -3.51 2.81
N VAL A 179 -23.70 -4.08 3.81
CA VAL A 179 -24.08 -3.88 5.21
C VAL A 179 -22.88 -3.42 6.03
N GLN A 180 -22.81 -2.12 6.29
CA GLN A 180 -21.76 -1.57 7.14
C GLN A 180 -22.19 -1.74 8.59
N VAL A 181 -21.23 -2.04 9.46
CA VAL A 181 -21.47 -2.11 10.90
C VAL A 181 -20.31 -1.50 11.70
N LYS A 182 -20.62 -0.48 12.48
CA LYS A 182 -19.64 0.07 13.41
C LYS A 182 -19.83 -0.64 14.72
N CYS A 183 -18.73 -1.06 15.34
CA CYS A 183 -18.80 -1.83 16.57
C CYS A 183 -17.72 -1.40 17.58
N PRO A 184 -17.86 -1.79 18.86
CA PRO A 184 -16.95 -1.37 19.91
C PRO A 184 -15.66 -2.15 19.94
N LEU A 185 -14.86 -1.86 20.95
CA LEU A 185 -13.61 -2.59 21.19
C LEU A 185 -13.29 -2.55 22.67
N LEU A 186 -12.23 -3.25 23.06
CA LEU A 186 -11.88 -3.39 24.46
C LEU A 186 -10.73 -2.48 24.87
N THR A 187 -10.92 -1.78 25.97
CA THR A 187 -9.83 -1.05 26.63
C THR A 187 -9.55 -1.72 27.96
N PRO A 188 -8.37 -1.46 28.56
CA PRO A 188 -8.04 -2.04 29.87
C PRO A 188 -9.10 -1.80 30.94
N ALA A 189 -9.70 -0.63 30.89
CA ALA A 189 -10.78 -0.28 31.82
C ALA A 189 -11.97 -1.20 31.62
N LYS A 190 -12.41 -1.36 30.37
CA LYS A 190 -13.51 -2.27 30.03
C LYS A 190 -13.19 -3.70 30.44
N ILE A 191 -11.97 -4.12 30.13
CA ILE A 191 -11.48 -5.45 30.51
C ILE A 191 -11.55 -5.62 32.02
N ALA A 192 -11.02 -4.63 32.74
CA ALA A 192 -11.04 -4.65 34.20
C ALA A 192 -12.47 -4.66 34.74
N SER A 193 -13.34 -3.88 34.11
CA SER A 193 -14.76 -3.86 34.46
C SER A 193 -15.40 -5.25 34.31
N ALA A 194 -15.10 -5.90 33.19
CA ALA A 194 -15.63 -7.25 32.95
C ALA A 194 -15.09 -8.20 34.01
N ARG A 195 -13.79 -8.15 34.24
CA ARG A 195 -13.13 -8.95 35.28
C ARG A 195 -13.83 -8.81 36.61
N SER A 196 -14.11 -7.57 36.99
CA SER A 196 -14.75 -7.25 38.27
C SER A 196 -16.05 -8.04 38.47
N ARG A 197 -16.80 -8.24 37.38
CA ARG A 197 -18.05 -9.03 37.41
C ARG A 197 -17.83 -10.56 37.32
N GLY A 198 -16.59 -11.00 37.41
CA GLY A 198 -16.25 -12.41 37.33
C GLY A 198 -16.38 -13.05 35.95
N CYS A 199 -16.48 -12.23 34.90
CA CYS A 199 -16.47 -12.73 33.51
C CYS A 199 -15.15 -12.29 32.85
N ALA A 200 -14.57 -13.17 32.03
CA ALA A 200 -13.34 -12.86 31.30
C ALA A 200 -13.68 -12.39 29.89
N PRO A 201 -13.02 -11.32 29.41
CA PRO A 201 -13.29 -10.79 28.08
C PRO A 201 -12.77 -11.71 26.98
N VAL A 202 -13.29 -11.57 25.76
CA VAL A 202 -12.90 -12.48 24.67
C VAL A 202 -11.39 -12.48 24.43
N THR A 203 -10.73 -11.38 24.80
CA THR A 203 -9.28 -11.29 24.77
C THR A 203 -8.85 -10.15 25.68
N THR A 204 -7.56 -10.08 25.99
CA THR A 204 -7.01 -8.97 26.76
C THR A 204 -6.15 -8.04 25.91
N ASP A 205 -5.85 -8.46 24.69
CA ASP A 205 -5.15 -7.61 23.72
C ASP A 205 -6.17 -6.66 23.06
N THR A 206 -6.00 -5.37 23.30
CA THR A 206 -6.98 -4.38 22.82
C THR A 206 -7.06 -4.39 21.29
N TYR A 207 -5.91 -4.39 20.63
CA TYR A 207 -5.88 -4.45 19.18
C TYR A 207 -6.65 -5.68 18.69
N GLU A 208 -6.38 -6.82 19.31
CA GLU A 208 -6.98 -8.07 18.87
C GLU A 208 -8.50 -8.06 19.05
N SER A 209 -8.96 -7.34 20.08
CA SER A 209 -10.40 -7.21 20.37
C SER A 209 -11.20 -6.63 19.20
N MET A 210 -10.56 -5.79 18.41
CA MET A 210 -11.19 -5.15 17.28
C MET A 210 -11.61 -6.23 16.30
N GLY A 211 -10.72 -7.18 16.07
CA GLY A 211 -11.00 -8.29 15.17
C GLY A 211 -12.18 -9.11 15.66
N TYR A 212 -12.17 -9.44 16.95
CA TYR A 212 -13.28 -10.18 17.55
C TYR A 212 -14.60 -9.43 17.37
N SER A 213 -14.60 -8.14 17.71
CA SER A 213 -15.80 -7.30 17.56
C SER A 213 -16.27 -7.26 16.10
N ARG A 214 -15.34 -6.97 15.20
CA ARG A 214 -15.62 -7.00 13.76
C ARG A 214 -16.14 -8.37 13.30
N GLY A 215 -15.52 -9.43 13.80
CA GLY A 215 -15.82 -10.79 13.34
C GLY A 215 -17.18 -11.31 13.79
N ALA A 216 -17.49 -11.09 15.06
CA ALA A 216 -18.81 -11.46 15.61
C ALA A 216 -19.90 -10.66 14.90
N SER A 217 -19.67 -9.37 14.76
CA SER A 217 -20.59 -8.49 14.04
C SER A 217 -20.84 -8.97 12.62
N ALA A 218 -19.78 -9.39 11.94
CA ALA A 218 -19.90 -9.85 10.55
C ALA A 218 -20.71 -11.13 10.49
N LEU A 219 -20.49 -12.02 11.45
CA LEU A 219 -21.26 -13.26 11.53
C LEU A 219 -22.73 -12.96 11.86
N GLY A 220 -22.95 -11.93 12.67
CA GLY A 220 -24.31 -11.43 12.91
C GLY A 220 -25.00 -11.10 11.59
N ILE A 221 -24.27 -10.45 10.69
CA ILE A 221 -24.80 -10.11 9.37
C ILE A 221 -25.02 -11.38 8.56
N ALA A 222 -24.04 -12.28 8.59
CA ALA A 222 -24.13 -13.55 7.86
C ALA A 222 -25.35 -14.34 8.29
N LEU A 223 -25.60 -14.31 9.60
CA LEU A 223 -26.79 -14.93 10.18
C LEU A 223 -28.06 -14.34 9.55
N ALA A 224 -28.23 -13.03 9.73
CA ALA A 224 -29.38 -12.30 9.18
C ALA A 224 -29.60 -12.55 7.70
N THR A 225 -28.51 -12.58 6.93
CA THR A 225 -28.59 -12.78 5.46
C THR A 225 -28.72 -14.25 5.07
N GLU A 226 -28.84 -15.12 6.07
CA GLU A 226 -28.97 -16.57 5.88
C GLU A 226 -27.83 -17.14 5.05
N GLU A 227 -26.68 -16.49 5.15
CA GLU A 227 -25.46 -16.91 4.49
C GLU A 227 -24.72 -17.94 5.33
N VAL A 228 -25.02 -17.95 6.62
CA VAL A 228 -24.46 -18.92 7.57
C VAL A 228 -25.61 -19.41 8.46
N PRO A 229 -25.72 -20.74 8.68
CA PRO A 229 -26.80 -21.28 9.50
C PRO A 229 -26.54 -21.09 10.97
N SER A 230 -27.62 -20.79 11.69
CA SER A 230 -27.61 -20.43 13.12
C SER A 230 -26.87 -21.43 14.01
N SER A 231 -26.96 -22.70 13.66
CA SER A 231 -26.36 -23.80 14.45
C SER A 231 -24.82 -23.73 14.56
N MET A 232 -24.17 -23.24 13.52
CA MET A 232 -22.69 -23.21 13.48
C MET A 232 -22.08 -22.04 14.24
N LEU A 233 -22.89 -21.03 14.56
CA LEU A 233 -22.40 -19.77 15.10
C LEU A 233 -22.16 -19.81 16.60
N VAL A 234 -21.29 -20.72 17.01
CA VAL A 234 -20.84 -20.86 18.39
C VAL A 234 -19.76 -19.82 18.68
N ASP A 235 -19.68 -19.33 19.92
CA ASP A 235 -18.59 -18.43 20.35
C ASP A 235 -17.22 -18.89 19.86
N GLU A 236 -16.95 -20.19 19.98
CA GLU A 236 -15.65 -20.78 19.62
C GLU A 236 -15.25 -20.52 18.16
N SER A 237 -16.25 -20.46 17.27
CA SER A 237 -16.00 -20.30 15.83
C SER A 237 -15.55 -18.89 15.42
N VAL A 238 -15.72 -17.92 16.32
CA VAL A 238 -15.34 -16.51 16.07
C VAL A 238 -13.79 -16.29 16.09
N LEU A 239 -13.34 -15.82 14.91
CA LEU A 239 -11.93 -15.72 14.49
C LEU A 239 -11.29 -17.07 14.15
N ASN A 240 -11.93 -18.15 14.54
CA ASN A 240 -11.38 -19.49 14.31
C ASN A 240 -11.74 -20.01 12.90
N ASP A 241 -13.04 -20.17 12.68
CA ASP A 241 -13.55 -20.80 11.47
C ASP A 241 -13.56 -19.88 10.23
N TRP A 242 -12.45 -19.86 9.51
CA TRP A 242 -12.31 -19.02 8.30
C TRP A 242 -13.43 -19.23 7.28
N SER A 243 -14.00 -20.43 7.23
CA SER A 243 -15.02 -20.78 6.23
C SER A 243 -16.31 -19.99 6.38
N LEU A 244 -16.63 -19.63 7.62
CA LEU A 244 -17.85 -18.87 7.92
C LEU A 244 -17.66 -17.39 7.59
N SER A 245 -18.54 -16.85 6.76
CA SER A 245 -18.44 -15.45 6.36
C SER A 245 -19.69 -14.92 5.66
N SER A 246 -19.84 -13.60 5.71
CA SER A 246 -20.79 -12.88 4.86
C SER A 246 -20.04 -12.18 3.74
N SER A 247 -20.56 -12.31 2.53
CA SER A 247 -20.03 -11.64 1.35
C SER A 247 -20.62 -10.24 1.17
N LEU A 248 -21.37 -9.79 2.16
CA LEU A 248 -21.96 -8.44 2.16
C LEU A 248 -21.46 -7.56 3.31
N ALA A 249 -20.81 -8.20 4.28
CA ALA A 249 -20.49 -7.55 5.55
C ALA A 249 -19.25 -6.66 5.47
N SER A 250 -19.35 -5.46 6.01
CA SER A 250 -18.20 -4.59 6.21
C SER A 250 -18.24 -4.14 7.66
N ALA A 251 -17.28 -4.59 8.44
CA ALA A 251 -17.21 -4.28 9.87
C ALA A 251 -16.07 -3.35 10.20
N SER A 252 -16.34 -2.36 11.04
CA SER A 252 -15.34 -1.39 11.45
C SER A 252 -15.46 -1.14 12.95
N ALA A 253 -14.44 -1.52 13.71
CA ALA A 253 -14.44 -1.36 15.17
C ALA A 253 -13.94 0.01 15.58
N GLY A 254 -14.30 0.42 16.79
CA GLY A 254 -13.97 1.76 17.25
C GLY A 254 -14.12 1.96 18.75
N ILE A 255 -13.27 2.83 19.29
CA ILE A 255 -13.25 3.16 20.71
C ILE A 255 -14.36 4.14 21.09
N GLU A 256 -14.94 4.78 20.09
CA GLU A 256 -15.90 5.86 20.32
C GLU A 256 -17.32 5.41 20.71
N LEU A 257 -17.60 4.12 20.67
CA LEU A 257 -18.98 3.63 20.91
C LEU A 257 -19.05 2.27 21.63
N GLU A 258 -20.18 2.03 22.29
CA GLU A 258 -20.44 0.78 23.02
C GLU A 258 -21.52 -0.10 22.40
N HIS A 259 -22.14 0.39 21.33
CA HIS A 259 -23.18 -0.37 20.65
C HIS A 259 -22.77 -0.63 19.21
N ASN A 260 -23.64 -1.29 18.44
CA ASN A 260 -23.42 -1.47 17.01
C ASN A 260 -24.29 -0.54 16.20
N VAL A 261 -23.72 -0.02 15.12
CA VAL A 261 -24.42 0.87 14.20
C VAL A 261 -24.44 0.15 12.85
N VAL A 262 -25.62 -0.02 12.28
CA VAL A 262 -25.79 -0.78 11.06
C VAL A 262 -26.36 0.08 9.94
N ILE A 263 -25.76 -0.03 8.76
CA ILE A 263 -26.25 0.65 7.57
C ILE A 263 -26.41 -0.35 6.46
N ALA A 264 -27.66 -0.68 6.17
CA ALA A 264 -28.03 -1.54 5.05
C ALA A 264 -28.17 -0.70 3.78
N ILE A 265 -27.56 -1.17 2.69
CA ILE A 265 -27.60 -0.49 1.40
C ILE A 265 -27.95 -1.46 0.29
N GLY A 266 -28.86 -1.05 -0.59
CA GLY A 266 -29.33 -1.93 -1.64
C GLY A 266 -30.24 -1.27 -2.66
N MET A 267 -31.01 -2.11 -3.32
CA MET A 267 -31.82 -1.71 -4.46
C MET A 267 -33.28 -2.05 -4.23
N SER A 268 -34.17 -1.10 -4.52
CA SER A 268 -35.61 -1.36 -4.51
C SER A 268 -36.29 -0.68 -5.68
N GLU A 269 -37.44 -1.19 -6.09
CA GLU A 269 -38.21 -0.59 -7.19
C GLU A 269 -38.91 0.68 -6.72
N GLN A 270 -39.20 0.74 -5.42
CA GLN A 270 -39.87 1.88 -4.78
C GLN A 270 -39.00 3.15 -4.73
N ALA A 271 -37.69 2.96 -4.78
CA ALA A 271 -36.74 4.09 -4.70
C ALA A 271 -36.66 4.84 -6.02
N THR A 272 -36.31 6.12 -5.95
CA THR A 272 -36.22 6.99 -7.14
C THR A 272 -34.85 7.63 -7.27
N SER A 273 -33.88 7.14 -6.52
CA SER A 273 -32.55 7.73 -6.49
C SER A 273 -31.97 7.80 -7.91
N GLU A 274 -31.08 8.75 -8.16
CA GLU A 274 -30.39 8.84 -9.45
C GLU A 274 -29.10 8.02 -9.39
N LEU A 275 -29.14 6.95 -8.62
CA LEU A 275 -27.96 6.22 -8.22
C LEU A 275 -28.26 4.74 -8.09
N VAL A 276 -27.22 3.94 -8.27
CA VAL A 276 -27.32 2.49 -8.17
C VAL A 276 -26.13 1.94 -7.40
N ILE A 277 -26.22 0.67 -7.05
CA ILE A 277 -25.15 0.01 -6.32
C ILE A 277 -25.03 -1.43 -6.76
N ALA A 278 -23.79 -1.84 -7.00
CA ALA A 278 -23.45 -3.23 -7.24
C ALA A 278 -22.31 -3.59 -6.31
N HIS A 279 -22.20 -4.87 -5.98
CA HIS A 279 -21.16 -5.31 -5.07
C HIS A 279 -20.41 -6.51 -5.63
N GLY A 280 -19.35 -6.87 -4.93
CA GLY A 280 -18.56 -8.05 -5.28
C GLY A 280 -17.66 -8.44 -4.14
N VAL A 281 -16.66 -9.28 -4.43
CA VAL A 281 -15.66 -9.67 -3.44
C VAL A 281 -14.28 -9.67 -4.02
N MET A 282 -13.33 -9.23 -3.22
CA MET A 282 -11.95 -9.37 -3.58
C MET A 282 -11.45 -10.69 -3.00
N SER A 283 -10.77 -11.49 -3.83
CA SER A 283 -10.24 -12.78 -3.41
C SER A 283 -9.05 -12.58 -2.49
N ASP A 284 -8.29 -11.52 -2.76
CA ASP A 284 -7.22 -11.13 -1.86
C ASP A 284 -6.97 -9.64 -1.97
N ALA A 285 -6.04 -9.14 -1.18
CA ALA A 285 -5.82 -7.70 -1.05
C ALA A 285 -5.50 -7.02 -2.36
N ILE A 286 -4.94 -7.77 -3.31
CA ILE A 286 -4.49 -7.19 -4.61
C ILE A 286 -5.39 -7.51 -5.80
N ASP A 287 -6.59 -8.02 -5.52
CA ASP A 287 -7.51 -8.44 -6.58
C ASP A 287 -8.23 -7.23 -7.19
N ALA A 288 -7.48 -6.43 -7.94
CA ALA A 288 -8.04 -5.27 -8.62
C ALA A 288 -9.03 -5.71 -9.70
N ALA A 289 -8.77 -6.89 -10.27
CA ALA A 289 -9.63 -7.49 -11.29
C ALA A 289 -11.10 -7.47 -10.90
N SER A 290 -11.41 -8.08 -9.76
CA SER A 290 -12.79 -8.12 -9.25
C SER A 290 -13.43 -6.76 -9.26
N VAL A 291 -12.72 -5.79 -8.69
CA VAL A 291 -13.22 -4.43 -8.65
C VAL A 291 -13.51 -3.92 -10.06
N ARG A 292 -12.56 -4.05 -10.98
CA ARG A 292 -12.80 -3.62 -12.37
C ARG A 292 -14.04 -4.30 -12.91
N ARG A 293 -14.11 -5.62 -12.71
CA ARG A 293 -15.23 -6.46 -13.14
C ARG A 293 -16.58 -5.89 -12.72
N THR A 294 -16.68 -5.57 -11.43
CA THR A 294 -17.89 -5.02 -10.85
C THR A 294 -18.18 -3.63 -11.40
N ILE A 295 -17.13 -2.83 -11.54
CA ILE A 295 -17.28 -1.51 -12.13
C ILE A 295 -17.77 -1.64 -13.57
N GLU A 296 -17.18 -2.58 -14.31
CA GLU A 296 -17.67 -2.93 -15.65
C GLU A 296 -19.16 -3.19 -15.65
N SER A 297 -19.61 -4.06 -14.74
CA SER A 297 -21.00 -4.51 -14.68
C SER A 297 -22.02 -3.37 -14.54
N LEU A 298 -21.56 -2.20 -14.10
CA LEU A 298 -22.38 -0.98 -14.05
C LEU A 298 -22.29 -0.13 -15.32
N GLY A 299 -21.67 -0.68 -16.36
CA GLY A 299 -21.51 0.03 -17.64
C GLY A 299 -20.54 1.18 -17.56
N ILE A 300 -19.40 0.95 -16.92
CA ILE A 300 -18.32 1.93 -16.84
C ILE A 300 -17.08 1.27 -17.43
N ARG A 301 -16.61 1.79 -18.56
CA ARG A 301 -15.54 1.11 -19.33
C ARG A 301 -14.29 1.93 -19.61
N SER A 302 -14.44 3.25 -19.76
CA SER A 302 -13.27 4.10 -19.98
C SER A 302 -12.94 4.81 -18.67
N ASP A 303 -11.71 5.32 -18.59
CA ASP A 303 -11.22 6.03 -17.41
C ASP A 303 -11.95 7.36 -17.22
N ASP A 304 -12.58 7.84 -18.29
CA ASP A 304 -13.34 9.09 -18.26
C ASP A 304 -14.75 8.88 -17.68
N GLU A 305 -15.23 7.64 -17.70
CA GLU A 305 -16.53 7.29 -17.10
C GLU A 305 -16.38 6.96 -15.61
N MET A 306 -15.15 6.94 -15.12
CA MET A 306 -14.88 6.62 -13.72
C MET A 306 -15.53 7.62 -12.76
N ASP A 307 -15.66 8.87 -13.21
CA ASP A 307 -16.31 9.90 -12.37
C ASP A 307 -17.83 9.72 -12.28
N ARG A 308 -18.36 8.74 -13.01
CA ARG A 308 -19.73 8.29 -12.77
C ARG A 308 -19.83 7.56 -11.43
N ILE A 309 -18.70 7.10 -10.91
CA ILE A 309 -18.64 6.51 -9.57
C ILE A 309 -18.62 7.60 -8.51
N VAL A 310 -19.57 7.51 -7.59
CA VAL A 310 -19.63 8.39 -6.42
C VAL A 310 -18.58 7.93 -5.42
N ASN A 311 -18.61 6.64 -5.10
CA ASN A 311 -17.63 6.06 -4.20
C ASN A 311 -17.53 4.53 -4.25
N VAL A 312 -16.41 4.03 -3.77
CA VAL A 312 -16.18 2.60 -3.58
C VAL A 312 -15.93 2.31 -2.12
N PHE A 313 -16.49 1.19 -1.65
CA PHE A 313 -16.39 0.77 -0.26
C PHE A 313 -15.84 -0.64 -0.25
N ALA A 314 -14.74 -0.83 0.47
CA ALA A 314 -14.02 -2.09 0.42
C ALA A 314 -13.47 -2.53 1.76
N LYS A 315 -13.29 -3.84 1.89
CA LYS A 315 -12.69 -4.46 3.06
C LYS A 315 -11.35 -5.09 2.69
N ALA A 316 -10.32 -4.73 3.43
CA ALA A 316 -8.99 -5.29 3.20
C ALA A 316 -8.51 -6.01 4.44
N GLU A 317 -7.83 -7.13 4.25
CA GLU A 317 -7.16 -7.78 5.38
C GLU A 317 -5.85 -8.43 4.96
N ALA A 318 -5.01 -8.68 5.96
CA ALA A 318 -3.78 -9.43 5.77
C ALA A 318 -4.12 -10.90 5.78
N SER A 319 -3.88 -11.56 4.65
CA SER A 319 -4.10 -13.00 4.52
C SER A 319 -3.57 -13.76 5.74
N PRO A 320 -4.47 -14.32 6.57
CA PRO A 320 -4.08 -14.91 7.86
C PRO A 320 -3.11 -16.10 7.79
N ASP A 321 -3.05 -16.76 6.63
CA ASP A 321 -2.11 -17.87 6.42
C ASP A 321 -0.66 -17.41 6.16
N GLY A 322 -0.47 -16.09 6.08
CA GLY A 322 0.87 -15.49 5.96
C GLY A 322 1.39 -15.39 4.55
N VAL A 323 0.53 -15.68 3.58
CA VAL A 323 0.90 -15.62 2.17
C VAL A 323 -0.16 -14.99 1.28
N VAL A 324 0.32 -14.32 0.24
CA VAL A 324 -0.52 -13.76 -0.79
C VAL A 324 -0.07 -14.34 -2.13
N ARG A 325 -0.96 -15.07 -2.78
CA ARG A 325 -0.67 -15.76 -4.03
C ARG A 325 0.67 -16.48 -3.95
N GLY A 326 0.82 -17.31 -2.93
CA GLY A 326 2.00 -18.18 -2.79
C GLY A 326 3.21 -17.56 -2.11
N MET A 327 3.37 -16.24 -2.25
CA MET A 327 4.50 -15.52 -1.67
C MET A 327 4.18 -15.02 -0.28
N ARG A 328 5.21 -15.02 0.56
CA ARG A 328 5.14 -14.55 1.94
C ARG A 328 4.87 -13.05 2.02
N HIS A 329 4.12 -12.68 3.05
CA HIS A 329 3.91 -11.29 3.40
C HIS A 329 4.29 -11.12 4.86
N THR A 330 4.63 -9.88 5.23
CA THR A 330 5.17 -9.60 6.57
C THR A 330 4.19 -8.86 7.46
N MET A 331 2.99 -8.63 6.94
CA MET A 331 1.97 -7.80 7.59
C MET A 331 1.57 -8.28 9.00
N LEU A 332 1.58 -9.59 9.21
CA LEU A 332 1.16 -10.15 10.52
C LEU A 332 2.33 -10.36 11.47
N SER A 333 3.54 -10.07 11.00
CA SER A 333 4.74 -10.14 11.80
C SER A 333 5.26 -8.74 12.15
N ASP A 334 4.74 -7.71 11.50
CA ASP A 334 5.26 -6.34 11.63
C ASP A 334 4.79 -5.70 12.93
N SER A 335 5.67 -5.69 13.93
CA SER A 335 5.33 -5.14 15.24
C SER A 335 5.36 -3.61 15.29
N ASP A 336 5.80 -2.98 14.21
CA ASP A 336 5.78 -1.52 14.10
C ASP A 336 4.46 -1.03 13.53
N ILE A 337 4.07 -1.63 12.42
CA ILE A 337 2.86 -1.26 11.70
C ILE A 337 1.90 -2.43 11.72
N ASN A 338 0.73 -2.21 12.30
CA ASN A 338 -0.29 -3.26 12.38
C ASN A 338 -0.82 -3.68 11.02
N SER A 339 -1.24 -4.94 10.92
CA SER A 339 -1.63 -5.55 9.64
C SER A 339 -2.76 -4.80 8.97
N THR A 340 -3.76 -4.38 9.74
CA THR A 340 -4.87 -3.58 9.21
C THR A 340 -4.36 -2.35 8.44
N ARG A 341 -3.29 -1.76 8.93
CA ARG A 341 -2.70 -0.60 8.28
C ARG A 341 -2.04 -1.01 6.96
N HIS A 342 -1.26 -2.08 6.99
CA HIS A 342 -0.70 -2.61 5.75
C HIS A 342 -1.80 -2.88 4.74
N ALA A 343 -2.83 -3.57 5.20
CA ALA A 343 -3.92 -4.04 4.33
C ALA A 343 -4.63 -2.88 3.65
N ARG A 344 -4.99 -1.88 4.45
CA ARG A 344 -5.68 -0.69 3.92
C ARG A 344 -4.84 0.00 2.87
N ALA A 345 -3.55 0.15 3.17
CA ALA A 345 -2.61 0.75 2.23
C ALA A 345 -2.62 -0.02 0.93
N VAL A 346 -2.54 -1.34 1.05
CA VAL A 346 -2.44 -2.22 -0.10
C VAL A 346 -3.67 -2.14 -0.99
N THR A 347 -4.83 -2.38 -0.41
CA THR A 347 -6.06 -2.41 -1.16
C THR A 347 -6.39 -1.02 -1.67
N GLY A 348 -6.16 -0.03 -0.83
CA GLY A 348 -6.29 1.38 -1.27
C GLY A 348 -5.55 1.64 -2.58
N ALA A 349 -4.30 1.21 -2.62
CA ALA A 349 -3.47 1.32 -3.82
C ALA A 349 -4.07 0.59 -5.01
N ALA A 350 -4.45 -0.67 -4.80
CA ALA A 350 -5.03 -1.49 -5.86
C ALA A 350 -6.25 -0.80 -6.47
N ILE A 351 -7.20 -0.45 -5.61
CA ILE A 351 -8.43 0.23 -6.03
C ILE A 351 -8.16 1.59 -6.68
N ALA A 352 -7.23 2.35 -6.11
CA ALA A 352 -6.88 3.66 -6.67
C ALA A 352 -6.38 3.50 -8.09
N SER A 353 -5.56 2.48 -8.31
CA SER A 353 -4.98 2.19 -9.63
C SER A 353 -6.06 1.94 -10.67
N VAL A 354 -7.21 1.46 -10.23
CA VAL A 354 -8.35 1.22 -11.10
C VAL A 354 -9.19 2.48 -11.32
N VAL A 355 -9.65 3.10 -10.24
CA VAL A 355 -10.55 4.29 -10.32
C VAL A 355 -9.83 5.63 -10.52
N GLY A 356 -8.52 5.62 -10.30
CA GLY A 356 -7.68 6.76 -10.65
C GLY A 356 -7.34 7.72 -9.52
N HIS A 357 -7.76 7.40 -8.30
CA HIS A 357 -7.41 8.23 -7.14
C HIS A 357 -7.68 7.50 -5.81
N GLY A 358 -7.27 8.12 -4.71
CA GLY A 358 -7.30 7.43 -3.40
C GLY A 358 -8.45 7.76 -2.47
N MET A 359 -9.36 8.61 -2.90
CA MET A 359 -10.53 8.97 -2.09
C MET A 359 -11.62 7.91 -2.18
N VAL A 360 -11.39 6.83 -1.47
CA VAL A 360 -12.29 5.68 -1.41
C VAL A 360 -12.37 5.16 0.02
N TYR A 361 -13.44 4.42 0.31
CA TYR A 361 -13.63 3.84 1.64
C TYR A 361 -13.02 2.44 1.67
N VAL A 362 -11.88 2.34 2.31
CA VAL A 362 -11.24 1.06 2.53
C VAL A 362 -11.10 0.89 4.03
N SER A 363 -11.65 -0.21 4.51
CA SER A 363 -11.61 -0.56 5.92
C SER A 363 -10.82 -1.84 6.09
N GLY A 364 -10.13 -1.96 7.21
CA GLY A 364 -9.21 -3.09 7.44
C GLY A 364 -9.78 -4.14 8.37
N GLY A 365 -9.33 -5.37 8.20
CA GLY A 365 -9.77 -6.48 9.07
C GLY A 365 -11.09 -7.07 8.61
N ALA A 366 -11.00 -8.10 7.77
CA ALA A 366 -12.13 -8.66 7.05
C ALA A 366 -12.43 -10.04 7.60
N GLU A 367 -12.43 -10.12 8.91
CA GLU A 367 -12.71 -11.36 9.60
C GLU A 367 -14.17 -11.77 9.38
N HIS A 368 -14.36 -12.92 8.72
CA HIS A 368 -15.69 -13.41 8.33
C HIS A 368 -16.39 -12.45 7.39
N GLN A 369 -15.60 -11.74 6.61
CA GLN A 369 -16.10 -10.80 5.63
C GLN A 369 -15.48 -11.20 4.32
N GLY A 370 -16.28 -11.87 3.50
CA GLY A 370 -15.77 -12.46 2.28
C GLY A 370 -14.70 -13.48 2.61
N PRO A 371 -13.87 -13.85 1.60
CA PRO A 371 -12.82 -14.85 1.77
C PRO A 371 -11.80 -14.45 2.81
N ALA A 372 -11.15 -15.45 3.40
CA ALA A 372 -9.98 -15.20 4.24
C ALA A 372 -8.87 -14.62 3.34
N GLY A 373 -8.27 -13.52 3.77
CA GLY A 373 -7.32 -12.76 2.94
C GLY A 373 -7.98 -11.79 1.97
N GLY A 374 -9.29 -11.96 1.78
CA GLY A 374 -10.08 -11.10 0.90
C GLY A 374 -11.19 -10.40 1.66
N GLY A 375 -11.98 -9.63 0.93
CA GLY A 375 -13.10 -8.92 1.51
C GLY A 375 -14.15 -8.50 0.50
N PRO A 376 -15.35 -8.16 0.99
CA PRO A 376 -16.39 -7.65 0.13
C PRO A 376 -16.21 -6.19 -0.12
N PHE A 377 -16.69 -5.75 -1.27
CA PHE A 377 -16.66 -4.35 -1.61
C PHE A 377 -17.92 -3.99 -2.38
N ALA A 378 -18.20 -2.70 -2.47
CA ALA A 378 -19.35 -2.21 -3.22
C ALA A 378 -19.07 -0.89 -3.91
N VAL A 379 -19.75 -0.68 -5.02
CA VAL A 379 -19.60 0.53 -5.83
C VAL A 379 -20.93 1.25 -5.95
N ILE A 380 -20.89 2.57 -5.81
CA ILE A 380 -22.07 3.39 -6.00
C ILE A 380 -21.83 4.32 -7.17
N ALA A 381 -22.66 4.20 -8.20
CA ALA A 381 -22.51 4.97 -9.44
C ALA A 381 -23.81 5.65 -9.83
N ARG A 382 -23.69 6.65 -10.70
CA ARG A 382 -24.83 7.35 -11.28
C ARG A 382 -25.59 6.35 -12.12
N ALA A 383 -26.91 6.45 -12.08
CA ALA A 383 -27.78 5.58 -12.85
C ALA A 383 -27.53 5.73 -14.36
N HIS B 20 35.29 -7.23 -22.44
CA HIS B 20 33.95 -6.69 -22.03
C HIS B 20 32.78 -7.36 -22.77
N MET B 21 32.79 -8.68 -22.75
CA MET B 21 31.76 -9.48 -23.41
C MET B 21 31.30 -10.54 -22.41
N TYR B 22 30.00 -10.56 -22.11
CA TYR B 22 29.50 -11.34 -20.96
C TYR B 22 28.24 -12.17 -21.21
N HIS B 23 28.11 -13.24 -20.42
CA HIS B 23 26.86 -13.97 -20.29
C HIS B 23 26.34 -13.79 -18.88
N ILE B 24 25.16 -13.19 -18.77
CA ILE B 24 24.57 -12.88 -17.46
C ILE B 24 23.44 -13.83 -17.11
N ASP B 25 23.47 -14.30 -15.87
CA ASP B 25 22.38 -15.09 -15.28
C ASP B 25 21.80 -14.32 -14.10
N VAL B 26 20.48 -14.34 -13.98
CA VAL B 26 19.78 -13.64 -12.90
C VAL B 26 18.78 -14.54 -12.21
N PHE B 27 18.85 -14.59 -10.90
CA PHE B 27 18.02 -15.48 -10.11
C PHE B 27 17.28 -14.73 -9.01
N ARG B 28 15.96 -14.81 -9.04
CA ARG B 28 15.14 -14.33 -7.94
C ARG B 28 14.96 -15.46 -6.93
N ILE B 29 15.48 -15.27 -5.73
CA ILE B 29 15.38 -16.29 -4.68
C ILE B 29 14.69 -15.75 -3.42
N PRO B 30 13.73 -16.51 -2.88
CA PRO B 30 13.02 -16.06 -1.69
C PRO B 30 13.85 -16.12 -0.43
N CYS B 31 13.55 -15.20 0.49
CA CYS B 31 14.10 -15.21 1.83
C CYS B 31 13.00 -15.48 2.82
N HIS B 32 13.23 -16.42 3.73
CA HIS B 32 12.28 -16.66 4.81
C HIS B 32 12.51 -15.63 5.90
N SER B 33 13.73 -15.08 5.91
CA SER B 33 14.11 -14.04 6.84
C SER B 33 15.35 -13.35 6.26
N PRO B 34 15.79 -12.22 6.87
CA PRO B 34 16.94 -11.46 6.34
C PRO B 34 18.24 -12.26 6.26
N GLY B 35 18.46 -13.10 7.25
CA GLY B 35 19.66 -13.94 7.29
C GLY B 35 19.63 -15.18 6.41
N ASP B 36 18.48 -15.52 5.85
CA ASP B 36 18.30 -16.76 5.08
C ASP B 36 19.07 -16.78 3.78
N THR B 37 20.03 -17.71 3.66
CA THR B 37 20.84 -17.90 2.43
C THR B 37 20.56 -19.21 1.68
N SER B 38 19.57 -19.96 2.16
CA SER B 38 19.30 -21.32 1.65
C SER B 38 18.90 -21.31 0.19
N GLY B 39 18.25 -20.23 -0.23
CA GLY B 39 17.94 -20.03 -1.64
C GLY B 39 19.20 -20.04 -2.48
N LEU B 40 20.25 -19.39 -1.96
CA LEU B 40 21.53 -19.32 -2.64
C LEU B 40 22.36 -20.58 -2.49
N GLU B 41 22.43 -21.14 -1.28
CA GLU B 41 23.16 -22.41 -1.05
C GLU B 41 22.67 -23.47 -2.02
N ASP B 42 21.37 -23.44 -2.27
CA ASP B 42 20.74 -24.33 -3.25
C ASP B 42 21.28 -24.08 -4.67
N LEU B 43 21.13 -22.86 -5.16
CA LEU B 43 21.63 -22.51 -6.50
C LEU B 43 23.04 -23.02 -6.75
N ILE B 44 23.89 -22.88 -5.72
CA ILE B 44 25.26 -23.34 -5.81
C ILE B 44 25.31 -24.86 -5.85
N GLU B 45 24.77 -25.50 -4.80
CA GLU B 45 24.83 -26.97 -4.65
C GLU B 45 24.20 -27.75 -5.83
N THR B 46 23.17 -27.18 -6.44
CA THR B 46 22.56 -27.78 -7.64
C THR B 46 23.22 -27.32 -8.95
N GLY B 47 24.39 -26.70 -8.84
CA GLY B 47 25.21 -26.34 -10.01
C GLY B 47 24.68 -25.27 -10.95
N ARG B 48 23.66 -24.53 -10.52
CA ARG B 48 22.99 -23.56 -11.39
C ARG B 48 23.71 -22.23 -11.47
N VAL B 49 24.59 -21.98 -10.51
CA VAL B 49 25.47 -20.80 -10.54
C VAL B 49 26.79 -21.09 -9.84
N ALA B 50 27.84 -20.44 -10.32
CA ALA B 50 29.18 -20.55 -9.73
C ALA B 50 29.49 -19.35 -8.83
N PRO B 51 29.81 -19.61 -7.54
CA PRO B 51 30.13 -18.57 -6.56
C PRO B 51 31.10 -17.51 -7.09
N ALA B 52 32.07 -17.95 -7.86
CA ALA B 52 33.06 -17.05 -8.45
C ALA B 52 32.42 -16.09 -9.47
N ASP B 53 31.40 -16.56 -10.19
CA ASP B 53 30.77 -15.77 -11.25
C ASP B 53 29.86 -14.65 -10.70
N ILE B 54 29.42 -14.78 -9.45
CA ILE B 54 28.48 -13.82 -8.89
C ILE B 54 29.15 -12.46 -8.75
N VAL B 55 28.53 -11.45 -9.35
CA VAL B 55 29.08 -10.07 -9.34
C VAL B 55 28.22 -9.07 -8.59
N ALA B 56 26.95 -9.40 -8.35
CA ALA B 56 26.04 -8.48 -7.67
C ALA B 56 24.83 -9.18 -7.05
N VAL B 57 24.33 -8.60 -5.96
CA VAL B 57 23.09 -9.07 -5.32
C VAL B 57 22.21 -7.90 -4.91
N MET B 58 20.95 -7.93 -5.30
CA MET B 58 19.99 -6.90 -4.94
C MET B 58 18.89 -7.49 -4.09
N GLY B 59 18.90 -7.14 -2.81
CA GLY B 59 17.95 -7.69 -1.85
C GLY B 59 16.81 -6.78 -1.42
N LYS B 60 15.68 -7.39 -1.07
CA LYS B 60 14.62 -6.74 -0.29
C LYS B 60 14.58 -7.41 1.07
N THR B 61 14.94 -6.66 2.11
CA THR B 61 14.91 -7.17 3.48
C THR B 61 13.77 -6.56 4.30
N GLU B 62 13.35 -7.27 5.33
CA GLU B 62 12.10 -6.94 6.03
C GLU B 62 12.26 -6.07 7.27
N GLY B 63 13.32 -5.28 7.31
CA GLY B 63 13.39 -4.19 8.27
C GLY B 63 12.50 -3.07 7.79
N ASN B 64 12.62 -1.90 8.42
CA ASN B 64 11.78 -0.73 8.08
C ASN B 64 12.28 0.06 6.87
N GLY B 65 13.46 -0.29 6.39
CA GLY B 65 14.07 0.39 5.25
C GLY B 65 14.43 1.84 5.51
N CYS B 66 14.53 2.19 6.79
CA CYS B 66 14.80 3.56 7.19
C CYS B 66 16.20 3.65 7.83
N VAL B 67 16.37 4.46 8.88
CA VAL B 67 17.70 4.69 9.43
C VAL B 67 18.19 3.44 10.19
N ASN B 68 17.44 3.06 11.20
CA ASN B 68 17.78 1.91 12.07
C ASN B 68 17.32 0.56 11.50
N ASP B 69 17.72 0.29 10.26
CA ASP B 69 17.47 -1.02 9.63
C ASP B 69 18.78 -1.78 9.52
N TYR B 70 18.92 -2.77 10.38
CA TYR B 70 20.10 -3.62 10.36
C TYR B 70 19.86 -4.94 9.63
N THR B 71 18.67 -5.11 9.09
CA THR B 71 18.37 -6.27 8.27
C THR B 71 19.19 -6.24 6.98
N ARG B 72 19.48 -5.04 6.50
CA ARG B 72 20.23 -4.89 5.26
C ARG B 72 21.66 -5.38 5.45
N GLU B 73 22.28 -4.86 6.50
CA GLU B 73 23.64 -5.25 6.88
C GLU B 73 23.73 -6.74 7.10
N TYR B 74 22.80 -7.24 7.91
CA TYR B 74 22.71 -8.65 8.28
C TYR B 74 22.62 -9.59 7.08
N ALA B 75 21.72 -9.27 6.15
CA ALA B 75 21.59 -10.04 4.92
C ALA B 75 22.94 -10.14 4.20
N THR B 76 23.59 -9.00 4.03
CA THR B 76 24.88 -8.97 3.36
C THR B 76 25.91 -9.83 4.09
N ALA B 77 25.92 -9.72 5.42
CA ALA B 77 26.91 -10.43 6.24
C ALA B 77 26.86 -11.91 5.98
N MET B 78 25.64 -12.43 5.91
CA MET B 78 25.43 -13.86 5.74
C MET B 78 25.70 -14.31 4.32
N LEU B 79 25.30 -13.49 3.37
CA LEU B 79 25.60 -13.76 1.98
C LEU B 79 27.11 -13.77 1.78
N ALA B 80 27.75 -12.68 2.22
CA ALA B 80 29.19 -12.55 2.13
C ALA B 80 29.86 -13.77 2.73
N ALA B 81 29.49 -14.11 3.95
CA ALA B 81 30.07 -15.27 4.66
C ALA B 81 29.81 -16.59 3.95
N CYS B 82 28.66 -16.70 3.29
CA CYS B 82 28.32 -17.89 2.52
C CYS B 82 29.24 -18.02 1.31
N LEU B 83 29.27 -16.98 0.48
CA LEU B 83 30.24 -16.93 -0.63
C LEU B 83 31.69 -16.96 -0.15
N GLY B 84 31.92 -16.45 1.05
CA GLY B 84 33.24 -16.48 1.69
C GLY B 84 33.75 -17.89 1.90
N ARG B 85 32.89 -18.77 2.39
CA ARG B 85 33.23 -20.20 2.54
C ARG B 85 33.66 -20.77 1.20
N HIS B 86 32.78 -20.64 0.22
CA HIS B 86 32.98 -21.22 -1.11
C HIS B 86 34.20 -20.71 -1.85
N LEU B 87 34.48 -19.42 -1.75
CA LEU B 87 35.65 -18.83 -2.42
C LEU B 87 36.89 -18.79 -1.53
N GLN B 88 36.75 -19.33 -0.32
CA GLN B 88 37.79 -19.23 0.70
C GLN B 88 38.37 -17.81 0.75
N LEU B 89 37.48 -16.85 0.99
CA LEU B 89 37.85 -15.46 1.24
C LEU B 89 37.20 -14.98 2.54
N PRO B 90 37.77 -13.92 3.13
CA PRO B 90 37.06 -13.29 4.24
C PRO B 90 35.77 -12.63 3.74
N PRO B 91 34.73 -12.57 4.58
CA PRO B 91 33.50 -11.94 4.14
C PRO B 91 33.72 -10.50 3.70
N HIS B 92 34.50 -9.75 4.49
CA HIS B 92 34.83 -8.36 4.17
C HIS B 92 35.50 -8.22 2.81
N GLU B 93 36.19 -9.28 2.40
CA GLU B 93 36.81 -9.34 1.07
C GLU B 93 35.76 -9.50 -0.01
N VAL B 94 34.86 -10.45 0.21
CA VAL B 94 33.80 -10.76 -0.76
C VAL B 94 32.98 -9.53 -1.10
N GLU B 95 32.79 -8.66 -0.11
CA GLU B 95 32.00 -7.43 -0.26
C GLU B 95 32.65 -6.39 -1.20
N LYS B 96 33.98 -6.42 -1.30
CA LYS B 96 34.67 -5.57 -2.27
C LYS B 96 34.54 -6.16 -3.67
N ARG B 97 34.46 -7.47 -3.73
CA ARG B 97 34.37 -8.23 -4.98
C ARG B 97 32.96 -8.15 -5.58
N VAL B 98 31.97 -8.33 -4.71
CA VAL B 98 30.56 -8.40 -5.12
C VAL B 98 29.80 -7.15 -4.66
N ALA B 99 28.93 -6.66 -5.52
CA ALA B 99 28.10 -5.49 -5.18
C ALA B 99 26.82 -5.92 -4.47
N PHE B 100 26.83 -5.83 -3.14
CA PHE B 100 25.65 -6.09 -2.33
C PHE B 100 24.83 -4.83 -2.17
N VAL B 101 23.59 -4.88 -2.62
CA VAL B 101 22.64 -3.80 -2.46
C VAL B 101 21.36 -4.31 -1.79
N MET B 102 21.23 -4.00 -0.50
CA MET B 102 20.09 -4.42 0.29
C MET B 102 19.19 -3.25 0.56
N SER B 103 18.00 -3.31 -0.02
CA SER B 103 16.96 -2.33 0.23
C SER B 103 15.98 -2.90 1.24
N GLY B 104 15.86 -2.23 2.39
CA GLY B 104 14.95 -2.66 3.43
C GLY B 104 13.53 -2.21 3.16
N GLY B 105 12.60 -2.58 4.04
CA GLY B 105 11.22 -2.14 3.91
C GLY B 105 10.47 -3.00 2.91
N THR B 106 9.72 -3.96 3.44
CA THR B 106 8.89 -4.85 2.61
C THR B 106 7.48 -4.76 3.15
N GLU B 107 6.85 -3.63 2.88
CA GLU B 107 5.50 -3.35 3.39
C GLU B 107 4.41 -3.86 2.45
N GLY B 108 3.24 -4.08 3.04
CA GLY B 108 2.10 -4.58 2.30
C GLY B 108 2.41 -5.99 1.81
N VAL B 109 2.30 -6.19 0.50
CA VAL B 109 2.46 -7.54 -0.08
C VAL B 109 3.89 -7.86 -0.48
N LEU B 110 4.75 -6.86 -0.37
CA LEU B 110 6.17 -7.01 -0.70
C LEU B 110 6.76 -8.23 0.02
N SER B 111 7.30 -9.16 -0.79
CA SER B 111 7.88 -10.39 -0.25
C SER B 111 9.39 -10.30 -0.26
N PRO B 112 10.02 -10.52 0.90
CA PRO B 112 11.47 -10.44 0.98
C PRO B 112 12.16 -11.44 0.06
N HIS B 113 13.25 -11.01 -0.58
CA HIS B 113 13.96 -11.86 -1.53
C HIS B 113 15.31 -11.24 -1.92
N HIS B 114 16.15 -12.05 -2.56
CA HIS B 114 17.38 -11.56 -3.23
C HIS B 114 17.26 -11.78 -4.71
N THR B 115 17.89 -10.90 -5.46
CA THR B 115 18.03 -11.07 -6.89
C THR B 115 19.52 -11.18 -7.13
N VAL B 116 19.95 -12.36 -7.54
CA VAL B 116 21.39 -12.67 -7.68
C VAL B 116 21.83 -12.55 -9.13
N PHE B 117 22.95 -11.88 -9.33
CA PHE B 117 23.50 -11.66 -10.67
C PHE B 117 24.86 -12.34 -10.82
N ALA B 118 24.99 -13.13 -11.87
CA ALA B 118 26.22 -13.86 -12.15
C ALA B 118 26.70 -13.50 -13.55
N ARG B 119 28.00 -13.35 -13.68
CA ARG B 119 28.61 -12.91 -14.91
C ARG B 119 29.70 -13.87 -15.29
N ARG B 120 29.57 -14.45 -16.48
CA ARG B 120 30.60 -15.28 -17.07
C ARG B 120 31.06 -14.62 -18.33
N PRO B 121 32.29 -14.92 -18.75
CA PRO B 121 32.79 -14.38 -20.01
C PRO B 121 31.83 -14.69 -21.11
N ALA B 122 31.76 -13.81 -22.09
CA ALA B 122 30.89 -14.05 -23.21
C ALA B 122 31.15 -15.49 -23.53
N ILE B 123 30.19 -16.31 -23.15
CA ILE B 123 30.22 -17.68 -23.57
C ILE B 123 30.17 -17.46 -25.07
N ASP B 124 31.34 -17.56 -25.70
CA ASP B 124 31.45 -17.39 -27.14
C ASP B 124 30.93 -18.66 -27.83
N ALA B 125 29.72 -19.05 -27.47
CA ALA B 125 29.03 -20.13 -28.15
C ALA B 125 28.67 -19.58 -29.51
N HIS B 126 27.65 -18.73 -29.53
CA HIS B 126 27.26 -17.91 -30.65
C HIS B 126 26.63 -16.70 -29.96
N ARG B 127 26.84 -15.52 -30.51
CA ARG B 127 26.15 -14.33 -30.04
C ARG B 127 24.72 -14.47 -30.57
N PRO B 128 23.70 -14.39 -29.70
CA PRO B 128 22.36 -14.38 -30.32
C PRO B 128 22.13 -13.16 -31.19
N ALA B 129 20.97 -13.13 -31.84
CA ALA B 129 20.67 -12.07 -32.82
C ALA B 129 20.63 -10.63 -32.27
N GLY B 130 19.60 -10.32 -31.50
CA GLY B 130 19.44 -8.99 -30.92
C GLY B 130 20.36 -8.80 -29.74
N LYS B 131 20.36 -7.58 -29.20
CA LYS B 131 21.13 -7.26 -27.99
C LYS B 131 20.59 -8.03 -26.81
N ARG B 132 21.39 -8.10 -25.77
CA ARG B 132 21.04 -8.86 -24.58
C ARG B 132 21.47 -8.14 -23.31
N LEU B 133 21.02 -8.67 -22.20
CA LEU B 133 21.30 -8.10 -20.88
C LEU B 133 22.80 -8.12 -20.57
N THR B 134 23.29 -6.98 -20.12
CA THR B 134 24.62 -6.89 -19.55
C THR B 134 24.54 -6.08 -18.28
N LEU B 135 25.61 -6.15 -17.51
CA LEU B 135 25.64 -5.57 -16.19
C LEU B 135 27.08 -5.31 -15.76
N GLY B 136 27.29 -4.19 -15.07
CA GLY B 136 28.61 -3.85 -14.56
C GLY B 136 28.46 -3.09 -13.26
N ILE B 137 29.50 -3.13 -12.43
CA ILE B 137 29.44 -2.51 -11.11
C ILE B 137 30.58 -1.51 -10.88
N ALA B 138 30.52 -0.81 -9.76
CA ALA B 138 31.52 0.19 -9.40
C ALA B 138 31.31 0.66 -7.96
N PHE B 139 32.38 1.14 -7.35
CA PHE B 139 32.32 1.67 -5.97
C PHE B 139 32.92 3.04 -5.95
N THR B 140 32.50 3.88 -5.00
CA THR B 140 33.19 5.14 -4.77
C THR B 140 33.99 5.02 -3.49
N ARG B 141 34.80 6.03 -3.24
CA ARG B 141 35.45 6.16 -1.96
C ARG B 141 34.41 6.37 -0.87
N ASP B 142 34.85 6.20 0.37
CA ASP B 142 34.04 6.58 1.52
C ASP B 142 33.82 8.08 1.50
N PHE B 143 32.69 8.50 2.05
CA PHE B 143 32.35 9.91 2.15
C PHE B 143 32.48 10.39 3.58
N LEU B 144 32.84 11.65 3.73
CA LEU B 144 32.79 12.29 5.02
C LEU B 144 31.32 12.67 5.26
N PRO B 145 30.89 12.71 6.53
CA PRO B 145 29.53 13.12 6.86
C PRO B 145 29.07 14.39 6.15
N GLU B 146 29.93 15.40 6.16
CA GLU B 146 29.61 16.70 5.54
C GLU B 146 29.56 16.66 4.01
N GLU B 147 30.02 15.58 3.40
CA GLU B 147 29.95 15.43 1.93
C GLU B 147 28.63 14.87 1.45
N ILE B 148 27.86 14.26 2.36
CA ILE B 148 26.64 13.54 1.99
C ILE B 148 25.55 14.52 1.59
N GLY B 149 24.89 14.20 0.48
CA GLY B 149 23.84 15.05 -0.08
C GLY B 149 24.37 16.27 -0.80
N ARG B 150 25.66 16.25 -1.13
CA ARG B 150 26.36 17.41 -1.64
C ARG B 150 27.27 17.09 -2.84
N HIS B 151 27.95 18.14 -3.34
CA HIS B 151 28.75 18.07 -4.58
C HIS B 151 29.61 16.80 -4.64
N ALA B 152 30.45 16.63 -3.62
CA ALA B 152 31.33 15.46 -3.55
C ALA B 152 30.62 14.17 -3.95
N GLN B 153 29.50 13.88 -3.29
CA GLN B 153 28.73 12.67 -3.54
C GLN B 153 28.17 12.65 -4.96
N ILE B 154 27.77 13.80 -5.46
CA ILE B 154 27.18 13.87 -6.81
C ILE B 154 28.21 13.49 -7.87
N THR B 155 29.34 14.19 -7.81
CA THR B 155 30.41 14.00 -8.78
C THR B 155 31.10 12.63 -8.66
N GLU B 156 31.34 12.18 -7.43
CA GLU B 156 31.96 10.86 -7.22
C GLU B 156 31.06 9.72 -7.74
N THR B 157 29.76 9.88 -7.58
CA THR B 157 28.77 8.92 -8.08
C THR B 157 28.77 8.88 -9.61
N ALA B 158 28.67 10.06 -10.22
CA ALA B 158 28.72 10.18 -11.69
C ALA B 158 29.90 9.40 -12.26
N GLY B 159 31.08 9.62 -11.67
CA GLY B 159 32.29 8.92 -12.04
C GLY B 159 32.19 7.40 -11.93
N ALA B 160 31.54 6.92 -10.85
CA ALA B 160 31.30 5.47 -10.65
C ALA B 160 30.34 4.89 -11.69
N VAL B 161 29.34 5.67 -12.06
CA VAL B 161 28.38 5.28 -13.09
C VAL B 161 29.08 4.99 -14.41
N LYS B 162 29.98 5.89 -14.80
CA LYS B 162 30.75 5.76 -16.03
C LYS B 162 31.66 4.50 -16.00
N ARG B 163 32.36 4.31 -14.89
CA ARG B 163 33.15 3.10 -14.70
C ARG B 163 32.28 1.85 -14.78
N ALA B 164 31.07 1.95 -14.24
CA ALA B 164 30.12 0.83 -14.18
C ALA B 164 29.60 0.46 -15.57
N MET B 165 29.35 1.47 -16.40
CA MET B 165 28.96 1.24 -17.79
C MET B 165 30.07 0.56 -18.57
N ARG B 166 31.28 1.09 -18.40
CA ARG B 166 32.48 0.53 -19.01
C ARG B 166 32.61 -0.92 -18.62
N ASP B 167 32.58 -1.16 -17.31
CA ASP B 167 32.61 -2.52 -16.78
C ASP B 167 31.57 -3.39 -17.48
N ALA B 168 30.37 -2.82 -17.63
CA ALA B 168 29.23 -3.54 -18.20
C ALA B 168 29.36 -3.82 -19.68
N GLY B 169 30.20 -3.04 -20.36
CA GLY B 169 30.31 -3.11 -21.81
C GLY B 169 29.10 -2.47 -22.47
N ILE B 170 28.65 -1.37 -21.88
CA ILE B 170 27.50 -0.63 -22.39
C ILE B 170 28.01 0.49 -23.29
N ALA B 171 27.61 0.41 -24.55
CA ALA B 171 28.13 1.28 -25.61
C ALA B 171 27.71 2.74 -25.39
N SER B 172 26.40 2.97 -25.41
CA SER B 172 25.85 4.32 -25.27
C SER B 172 24.78 4.40 -24.19
N ILE B 173 24.44 5.64 -23.85
CA ILE B 173 23.38 5.93 -22.87
C ILE B 173 22.07 5.26 -23.32
N ASP B 174 21.87 5.18 -24.63
CA ASP B 174 20.73 4.45 -25.20
C ASP B 174 20.58 3.02 -24.69
N ASP B 175 21.71 2.37 -24.51
CA ASP B 175 21.76 0.96 -24.13
C ASP B 175 21.67 0.76 -22.63
N LEU B 176 21.72 1.87 -21.89
CA LEU B 176 21.59 1.86 -20.46
C LEU B 176 20.10 1.88 -20.08
N HIS B 177 19.70 0.98 -19.18
CA HIS B 177 18.30 0.83 -18.79
C HIS B 177 18.01 0.96 -17.28
N PHE B 178 19.04 0.86 -16.45
CA PHE B 178 18.85 0.89 -15.00
C PHE B 178 20.18 1.11 -14.25
N VAL B 179 20.19 2.07 -13.33
CA VAL B 179 21.35 2.35 -12.50
C VAL B 179 20.99 2.37 -11.02
N GLN B 180 21.28 1.27 -10.33
CA GLN B 180 21.06 1.19 -8.90
C GLN B 180 22.25 1.79 -8.17
N VAL B 181 21.97 2.49 -7.08
CA VAL B 181 22.99 3.04 -6.21
C VAL B 181 22.64 2.90 -4.74
N LYS B 182 23.53 2.24 -4.01
CA LYS B 182 23.43 2.20 -2.55
C LYS B 182 24.27 3.31 -2.00
N CYS B 183 23.75 4.07 -1.04
CA CYS B 183 24.45 5.22 -0.50
C CYS B 183 24.26 5.33 1.02
N PRO B 184 25.08 6.16 1.68
CA PRO B 184 25.08 6.25 3.14
C PRO B 184 24.00 7.14 3.67
N LEU B 185 24.04 7.35 4.97
CA LEU B 185 23.12 8.26 5.65
C LEU B 185 23.80 8.81 6.90
N LEU B 186 23.12 9.72 7.59
CA LEU B 186 23.69 10.42 8.75
C LEU B 186 23.17 9.86 10.05
N THR B 187 24.09 9.61 10.98
CA THR B 187 23.76 9.31 12.36
C THR B 187 24.27 10.46 13.22
N PRO B 188 23.76 10.58 14.47
CA PRO B 188 24.22 11.65 15.38
C PRO B 188 25.73 11.69 15.56
N ALA B 189 26.35 10.51 15.58
CA ALA B 189 27.80 10.39 15.69
C ALA B 189 28.48 11.03 14.49
N LYS B 190 28.03 10.65 13.30
CA LYS B 190 28.56 11.23 12.05
C LYS B 190 28.35 12.76 12.01
N ILE B 191 27.16 13.18 12.39
CA ILE B 191 26.82 14.60 12.46
C ILE B 191 27.78 15.30 13.42
N ALA B 192 27.94 14.73 14.60
CA ALA B 192 28.86 15.26 15.62
C ALA B 192 30.31 15.30 15.13
N SER B 193 30.71 14.25 14.43
CA SER B 193 32.03 14.18 13.80
C SER B 193 32.22 15.33 12.80
N ALA B 194 31.22 15.57 11.97
CA ALA B 194 31.27 16.67 11.00
C ALA B 194 31.38 18.00 11.71
N ARG B 195 30.51 18.20 12.69
CA ARG B 195 30.53 19.39 13.54
C ARG B 195 31.91 19.67 14.08
N SER B 196 32.55 18.63 14.62
CA SER B 196 33.88 18.74 15.22
C SER B 196 34.88 19.40 14.28
N ARG B 197 34.77 19.10 12.99
CA ARG B 197 35.64 19.68 11.95
C ARG B 197 35.20 21.08 11.48
N GLY B 198 34.23 21.67 12.16
CA GLY B 198 33.70 22.99 11.82
C GLY B 198 32.85 23.05 10.56
N CYS B 199 32.40 21.89 10.09
CA CYS B 199 31.50 21.78 8.95
C CYS B 199 30.13 21.33 9.44
N ALA B 200 29.06 21.89 8.87
CA ALA B 200 27.69 21.49 9.22
C ALA B 200 27.14 20.49 8.18
N PRO B 201 26.49 19.41 8.65
CA PRO B 201 25.95 18.41 7.73
C PRO B 201 24.74 18.90 6.96
N VAL B 202 24.41 18.26 5.84
CA VAL B 202 23.31 18.74 4.98
C VAL B 202 21.98 18.83 5.74
N THR B 203 21.85 18.04 6.79
CA THR B 203 20.72 18.12 7.71
C THR B 203 21.10 17.45 9.02
N THR B 204 20.30 17.65 10.05
CA THR B 204 20.51 16.96 11.33
C THR B 204 19.45 15.89 11.60
N ASP B 205 18.42 15.86 10.77
CA ASP B 205 17.40 14.80 10.81
C ASP B 205 17.92 13.56 10.07
N THR B 206 18.10 12.48 10.81
CA THR B 206 18.71 11.29 10.24
C THR B 206 17.84 10.73 9.12
N TYR B 207 16.55 10.63 9.36
CA TYR B 207 15.62 10.16 8.32
C TYR B 207 15.74 11.02 7.07
N GLU B 208 15.74 12.33 7.24
CA GLU B 208 15.78 13.26 6.11
C GLU B 208 17.08 13.13 5.33
N SER B 209 18.16 12.78 6.02
CA SER B 209 19.48 12.60 5.39
C SER B 209 19.46 11.54 4.29
N MET B 210 18.59 10.55 4.44
CA MET B 210 18.47 9.46 3.47
C MET B 210 18.05 10.04 2.13
N GLY B 211 17.07 10.94 2.17
CA GLY B 211 16.59 11.61 0.97
C GLY B 211 17.69 12.42 0.30
N TYR B 212 18.42 13.19 1.09
CA TYR B 212 19.58 13.95 0.58
C TYR B 212 20.61 13.03 -0.08
N SER B 213 20.99 11.96 0.62
CA SER B 213 21.95 10.98 0.08
C SER B 213 21.44 10.35 -1.22
N ARG B 214 20.20 9.86 -1.18
CA ARG B 214 19.53 9.34 -2.38
C ARG B 214 19.48 10.37 -3.51
N GLY B 215 19.14 11.59 -3.17
CA GLY B 215 18.92 12.65 -4.16
C GLY B 215 20.18 13.11 -4.86
N ALA B 216 21.23 13.34 -4.08
CA ALA B 216 22.54 13.72 -4.62
C ALA B 216 23.06 12.60 -5.51
N SER B 217 22.97 11.38 -4.99
CA SER B 217 23.38 10.22 -5.75
C SER B 217 22.65 10.12 -7.09
N ALA B 218 21.35 10.39 -7.08
CA ALA B 218 20.53 10.28 -8.29
C ALA B 218 20.96 11.34 -9.30
N LEU B 219 21.26 12.53 -8.80
CA LEU B 219 21.74 13.61 -9.65
C LEU B 219 23.12 13.29 -10.21
N GLY B 220 23.93 12.61 -9.40
CA GLY B 220 25.20 12.07 -9.89
C GLY B 220 24.99 11.20 -11.12
N ILE B 221 23.95 10.36 -11.07
CA ILE B 221 23.60 9.51 -12.21
C ILE B 221 23.12 10.34 -13.37
N ALA B 222 22.24 11.29 -13.07
CA ALA B 222 21.70 12.20 -14.10
C ALA B 222 22.81 12.93 -14.82
N LEU B 223 23.80 13.33 -14.04
CA LEU B 223 25.02 13.98 -14.57
C LEU B 223 25.71 13.06 -15.58
N ALA B 224 26.13 11.90 -15.09
CA ALA B 224 26.80 10.89 -15.90
C ALA B 224 26.03 10.54 -17.18
N THR B 225 24.71 10.44 -17.08
CA THR B 225 23.86 10.10 -18.23
C THR B 225 23.55 11.30 -19.13
N GLU B 226 24.13 12.45 -18.80
CA GLU B 226 23.90 13.70 -19.52
C GLU B 226 22.41 14.04 -19.61
N GLU B 227 21.66 13.61 -18.60
CA GLU B 227 20.23 13.88 -18.49
C GLU B 227 20.01 15.23 -17.83
N VAL B 228 21.03 15.68 -17.10
CA VAL B 228 21.03 16.98 -16.45
C VAL B 228 22.38 17.62 -16.70
N PRO B 229 22.39 18.90 -17.10
CA PRO B 229 23.66 19.58 -17.37
C PRO B 229 24.41 19.96 -16.10
N SER B 230 25.73 19.79 -16.17
CA SER B 230 26.65 19.97 -15.03
C SER B 230 26.49 21.30 -14.30
N SER B 231 26.18 22.36 -15.05
CA SER B 231 26.06 23.72 -14.50
C SER B 231 24.96 23.89 -13.44
N MET B 232 23.87 23.15 -13.58
CA MET B 232 22.71 23.27 -12.68
C MET B 232 22.86 22.56 -11.34
N LEU B 233 23.82 21.64 -11.27
CA LEU B 233 23.92 20.72 -10.14
C LEU B 233 24.64 21.31 -8.96
N VAL B 234 24.12 22.42 -8.45
CA VAL B 234 24.67 23.03 -7.24
C VAL B 234 24.07 22.36 -6.02
N ASP B 235 24.80 22.40 -4.92
CA ASP B 235 24.32 21.89 -3.63
C ASP B 235 22.88 22.30 -3.33
N GLU B 236 22.58 23.57 -3.56
CA GLU B 236 21.27 24.15 -3.23
C GLU B 236 20.12 23.42 -3.90
N SER B 237 20.36 22.92 -5.11
CA SER B 237 19.30 22.29 -5.93
C SER B 237 18.89 20.88 -5.45
N VAL B 238 19.69 20.30 -4.56
CA VAL B 238 19.41 18.98 -3.99
C VAL B 238 18.24 18.97 -2.99
N LEU B 239 17.24 18.16 -3.34
CA LEU B 239 15.91 18.10 -2.75
C LEU B 239 15.03 19.29 -3.06
N ASN B 240 15.60 20.38 -3.57
CA ASN B 240 14.80 21.55 -3.89
C ASN B 240 14.20 21.49 -5.27
N ASP B 241 15.07 21.41 -6.27
CA ASP B 241 14.66 21.48 -7.66
C ASP B 241 14.03 20.17 -8.18
N TRP B 242 12.73 20.02 -8.01
CA TRP B 242 11.99 18.84 -8.48
C TRP B 242 12.21 18.53 -9.96
N SER B 243 12.45 19.56 -10.77
CA SER B 243 12.58 19.39 -12.22
C SER B 243 13.78 18.54 -12.61
N LEU B 244 14.85 18.62 -11.82
CA LEU B 244 16.08 17.88 -12.10
C LEU B 244 15.92 16.41 -11.69
N SER B 245 16.19 15.51 -12.63
CA SER B 245 16.06 14.09 -12.36
C SER B 245 16.68 13.19 -13.44
N SER B 246 17.03 11.98 -13.03
CA SER B 246 17.36 10.88 -13.94
C SER B 246 16.18 9.93 -14.02
N SER B 247 15.83 9.56 -15.24
CA SER B 247 14.77 8.59 -15.50
C SER B 247 15.32 7.16 -15.50
N LEU B 248 16.57 7.00 -15.09
CA LEU B 248 17.21 5.69 -14.97
C LEU B 248 17.64 5.35 -13.54
N ALA B 249 17.64 6.36 -12.68
CA ALA B 249 18.26 6.26 -11.38
C ALA B 249 17.38 5.58 -10.36
N SER B 250 17.96 4.66 -9.61
CA SER B 250 17.29 4.08 -8.45
C SER B 250 18.24 4.16 -7.28
N ALA B 251 17.91 4.98 -6.29
CA ALA B 251 18.78 5.21 -5.15
C ALA B 251 18.21 4.59 -3.88
N SER B 252 19.08 3.96 -3.09
CA SER B 252 18.67 3.34 -1.84
C SER B 252 19.70 3.64 -0.77
N ALA B 253 19.31 4.38 0.25
CA ALA B 253 20.24 4.78 1.34
C ALA B 253 20.30 3.73 2.42
N GLY B 254 21.38 3.74 3.19
CA GLY B 254 21.60 2.72 4.21
C GLY B 254 22.66 3.07 5.24
N ILE B 255 22.46 2.55 6.44
CA ILE B 255 23.37 2.80 7.58
C ILE B 255 24.58 1.90 7.51
N GLU B 256 24.49 0.86 6.70
CA GLU B 256 25.52 -0.18 6.65
C GLU B 256 26.81 0.20 5.90
N LEU B 257 26.83 1.35 5.23
CA LEU B 257 27.98 1.73 4.39
C LEU B 257 28.28 3.24 4.37
N GLU B 258 29.53 3.57 4.07
CA GLU B 258 29.99 4.96 3.98
C GLU B 258 30.33 5.41 2.57
N HIS B 259 30.24 4.49 1.61
CA HIS B 259 30.56 4.79 0.22
C HIS B 259 29.33 4.56 -0.64
N ASN B 260 29.45 4.78 -1.94
CA ASN B 260 28.38 4.47 -2.88
C ASN B 260 28.69 3.22 -3.64
N VAL B 261 27.65 2.42 -3.87
CA VAL B 261 27.76 1.19 -4.65
C VAL B 261 26.84 1.35 -5.85
N VAL B 262 27.41 1.15 -7.04
CA VAL B 262 26.69 1.41 -8.30
C VAL B 262 26.56 0.12 -9.11
N ILE B 263 25.36 -0.11 -9.63
CA ILE B 263 25.14 -1.22 -10.55
C ILE B 263 24.45 -0.70 -11.80
N ALA B 264 25.21 -0.65 -12.88
CA ALA B 264 24.69 -0.31 -14.21
C ALA B 264 24.16 -1.57 -14.92
N ILE B 265 22.96 -1.45 -15.49
CA ILE B 265 22.32 -2.57 -16.18
C ILE B 265 21.77 -2.12 -17.52
N GLY B 266 22.01 -2.92 -18.55
CA GLY B 266 21.61 -2.54 -19.89
C GLY B 266 21.80 -3.62 -20.93
N MET B 267 21.88 -3.16 -22.18
CA MET B 267 21.87 -4.04 -23.35
C MET B 267 23.12 -3.82 -24.20
N SER B 268 23.77 -4.90 -24.61
CA SER B 268 24.87 -4.80 -25.59
C SER B 268 24.79 -5.95 -26.58
N GLU B 269 25.37 -5.76 -27.76
CA GLU B 269 25.42 -6.82 -28.77
C GLU B 269 26.46 -7.88 -28.44
N GLN B 270 27.48 -7.48 -27.68
CA GLN B 270 28.55 -8.39 -27.25
C GLN B 270 28.05 -9.45 -26.26
N ALA B 271 26.98 -9.14 -25.53
CA ALA B 271 26.46 -10.02 -24.48
C ALA B 271 25.72 -11.21 -25.10
N THR B 272 25.68 -12.32 -24.37
CA THR B 272 25.00 -13.54 -24.84
C THR B 272 23.93 -14.03 -23.88
N SER B 273 23.55 -13.19 -22.92
CA SER B 273 22.60 -13.57 -21.88
C SER B 273 21.30 -14.07 -22.51
N GLU B 274 20.61 -14.96 -21.80
CA GLU B 274 19.29 -15.44 -22.24
C GLU B 274 18.19 -14.55 -21.67
N LEU B 275 18.53 -13.27 -21.53
CA LEU B 275 17.73 -12.31 -20.78
C LEU B 275 17.85 -10.93 -21.41
N VAL B 276 16.80 -10.14 -21.19
CA VAL B 276 16.74 -8.78 -21.68
C VAL B 276 16.20 -7.85 -20.60
N ILE B 277 16.31 -6.56 -20.87
CA ILE B 277 15.80 -5.57 -19.94
C ILE B 277 15.22 -4.39 -20.70
N ALA B 278 14.04 -3.97 -20.25
CA ALA B 278 13.43 -2.73 -20.70
C ALA B 278 13.06 -1.93 -19.47
N HIS B 279 12.99 -0.62 -19.62
CA HIS B 279 12.67 0.27 -18.50
C HIS B 279 11.58 1.24 -18.87
N GLY B 280 11.10 1.94 -17.85
CA GLY B 280 10.11 2.97 -18.02
C GLY B 280 10.04 3.84 -16.79
N VAL B 281 8.97 4.60 -16.70
CA VAL B 281 8.78 5.49 -15.59
C VAL B 281 7.32 5.49 -15.11
N MET B 282 7.13 5.47 -13.80
CA MET B 282 5.80 5.63 -13.23
C MET B 282 5.60 7.12 -12.98
N SER B 283 4.46 7.62 -13.43
CA SER B 283 4.13 9.03 -13.27
C SER B 283 3.75 9.34 -11.84
N ASP B 284 3.13 8.36 -11.17
CA ASP B 284 2.91 8.45 -9.74
C ASP B 284 2.83 7.07 -9.13
N ALA B 285 2.66 7.02 -7.82
CA ALA B 285 2.76 5.77 -7.06
C ALA B 285 1.80 4.69 -7.55
N ILE B 286 0.68 5.10 -8.15
CA ILE B 286 -0.38 4.17 -8.59
C ILE B 286 -0.43 3.91 -10.10
N ASP B 287 0.61 4.33 -10.81
CA ASP B 287 0.66 4.20 -12.27
C ASP B 287 1.02 2.78 -12.71
N ALA B 288 0.10 1.86 -12.49
CA ALA B 288 0.29 0.47 -12.91
C ALA B 288 0.36 0.38 -14.44
N ALA B 289 -0.35 1.28 -15.11
CA ALA B 289 -0.41 1.35 -16.58
C ALA B 289 0.97 1.30 -17.20
N SER B 290 1.82 2.24 -16.80
CA SER B 290 3.19 2.30 -17.32
C SER B 290 3.90 0.95 -17.22
N VAL B 291 3.82 0.35 -16.05
CA VAL B 291 4.42 -0.94 -15.84
C VAL B 291 3.89 -1.97 -16.83
N ARG B 292 2.56 -2.08 -16.96
CA ARG B 292 1.96 -3.01 -17.93
C ARG B 292 2.52 -2.73 -19.32
N ARG B 293 2.51 -1.45 -19.69
CA ARG B 293 2.95 -1.00 -21.01
C ARG B 293 4.37 -1.47 -21.33
N THR B 294 5.27 -1.31 -20.36
CA THR B 294 6.65 -1.75 -20.50
C THR B 294 6.75 -3.28 -20.56
N ILE B 295 5.98 -3.95 -19.72
CA ILE B 295 5.92 -5.41 -19.75
C ILE B 295 5.43 -5.86 -21.12
N GLU B 296 4.38 -5.21 -21.62
CA GLU B 296 3.89 -5.42 -22.99
C GLU B 296 5.02 -5.37 -24.02
N SER B 297 5.79 -4.28 -23.95
CA SER B 297 6.85 -4.00 -24.93
C SER B 297 7.88 -5.13 -25.04
N LEU B 298 7.96 -5.98 -24.03
CA LEU B 298 8.82 -7.16 -24.06
C LEU B 298 8.12 -8.39 -24.64
N GLY B 299 6.93 -8.21 -25.20
CA GLY B 299 6.15 -9.33 -25.74
C GLY B 299 5.62 -10.26 -24.68
N ILE B 300 5.08 -9.68 -23.61
CA ILE B 300 4.41 -10.43 -22.54
C ILE B 300 2.98 -9.91 -22.51
N ARG B 301 2.06 -10.77 -22.95
CA ARG B 301 0.73 -10.35 -23.36
C ARG B 301 -0.40 -10.98 -22.54
N SER B 302 -0.16 -12.16 -22.00
CA SER B 302 -1.10 -12.79 -21.06
C SER B 302 -0.51 -12.95 -19.67
N ASP B 303 -1.38 -13.27 -18.72
CA ASP B 303 -0.99 -13.53 -17.34
C ASP B 303 -0.13 -14.79 -17.20
N ASP B 304 -0.19 -15.67 -18.20
CA ASP B 304 0.56 -16.93 -18.22
C ASP B 304 2.02 -16.70 -18.61
N GLU B 305 2.25 -15.62 -19.34
CA GLU B 305 3.60 -15.24 -19.77
C GLU B 305 4.31 -14.37 -18.73
N MET B 306 3.62 -14.04 -17.64
CA MET B 306 4.20 -13.22 -16.57
C MET B 306 5.41 -13.87 -15.93
N ASP B 307 5.43 -15.20 -15.89
CA ASP B 307 6.59 -15.93 -15.35
C ASP B 307 7.82 -15.90 -16.26
N ARG B 308 7.68 -15.32 -17.45
CA ARG B 308 8.83 -14.96 -18.25
C ARG B 308 9.61 -13.79 -17.62
N ILE B 309 8.95 -13.07 -16.71
CA ILE B 309 9.62 -12.01 -15.93
C ILE B 309 10.39 -12.62 -14.76
N VAL B 310 11.68 -12.29 -14.73
CA VAL B 310 12.56 -12.69 -13.63
C VAL B 310 12.28 -11.79 -12.45
N ASN B 311 12.30 -10.48 -12.70
CA ASN B 311 11.97 -9.50 -11.67
C ASN B 311 11.66 -8.12 -12.21
N VAL B 312 11.01 -7.34 -11.34
CA VAL B 312 10.76 -5.93 -11.58
C VAL B 312 11.41 -5.10 -10.49
N PHE B 313 11.96 -3.95 -10.90
CA PHE B 313 12.66 -3.05 -10.01
C PHE B 313 12.03 -1.69 -10.17
N ALA B 314 11.58 -1.12 -9.05
CA ALA B 314 10.81 0.12 -9.08
C ALA B 314 11.14 1.08 -7.95
N LYS B 315 10.90 2.35 -8.22
CA LYS B 315 11.06 3.42 -7.24
C LYS B 315 9.71 4.02 -6.92
N ALA B 316 9.40 4.10 -5.62
CA ALA B 316 8.16 4.71 -5.17
C ALA B 316 8.44 5.88 -4.26
N GLU B 317 7.64 6.92 -4.36
CA GLU B 317 7.73 8.01 -3.40
C GLU B 317 6.37 8.62 -3.09
N ALA B 318 6.32 9.33 -1.98
CA ALA B 318 5.16 10.12 -1.63
C ALA B 318 5.24 11.44 -2.40
N SER B 319 4.27 11.67 -3.27
CA SER B 319 4.16 12.93 -4.00
C SER B 319 4.39 14.13 -3.07
N PRO B 320 5.52 14.85 -3.26
CA PRO B 320 5.94 15.92 -2.31
C PRO B 320 4.98 17.09 -2.18
N ASP B 321 4.14 17.30 -3.18
CA ASP B 321 3.14 18.37 -3.15
C ASP B 321 1.93 18.04 -2.26
N GLY B 322 1.91 16.83 -1.72
CA GLY B 322 0.88 16.40 -0.76
C GLY B 322 -0.37 15.82 -1.40
N VAL B 323 -0.31 15.61 -2.71
CA VAL B 323 -1.47 15.17 -3.49
C VAL B 323 -1.15 14.11 -4.53
N VAL B 324 -2.08 13.18 -4.70
CA VAL B 324 -2.02 12.15 -5.75
C VAL B 324 -3.26 12.22 -6.63
N ARG B 325 -3.05 12.54 -7.91
CA ARG B 325 -4.14 12.76 -8.86
C ARG B 325 -5.24 13.63 -8.24
N GLY B 326 -4.84 14.78 -7.72
CA GLY B 326 -5.79 15.78 -7.21
C GLY B 326 -6.24 15.59 -5.78
N MET B 327 -6.24 14.35 -5.30
CA MET B 327 -6.64 14.04 -3.94
C MET B 327 -5.47 14.08 -2.97
N ARG B 328 -5.77 14.52 -1.75
CA ARG B 328 -4.79 14.59 -0.66
C ARG B 328 -4.31 13.22 -0.24
N HIS B 329 -3.06 13.17 0.16
CA HIS B 329 -2.49 11.99 0.81
C HIS B 329 -1.87 12.43 2.13
N THR B 330 -1.75 11.47 3.05
CA THR B 330 -1.31 11.77 4.42
C THR B 330 0.10 11.29 4.70
N MET B 331 0.73 10.73 3.69
CA MET B 331 2.03 10.06 3.80
C MET B 331 3.14 10.95 4.36
N LEU B 332 3.10 12.24 4.05
CA LEU B 332 4.14 13.18 4.49
C LEU B 332 3.78 13.90 5.79
N SER B 333 2.60 13.62 6.31
CA SER B 333 2.14 14.14 7.62
C SER B 333 2.15 13.06 8.70
N ASP B 334 2.31 11.80 8.28
CA ASP B 334 2.18 10.66 9.20
C ASP B 334 3.45 10.48 10.03
N SER B 335 3.40 10.97 11.27
CA SER B 335 4.55 10.91 12.16
C SER B 335 4.80 9.53 12.74
N ASP B 336 3.87 8.60 12.51
CA ASP B 336 4.03 7.21 12.96
C ASP B 336 4.73 6.37 11.92
N ILE B 337 4.22 6.44 10.70
CA ILE B 337 4.73 5.66 9.58
C ILE B 337 5.33 6.61 8.57
N ASN B 338 6.62 6.46 8.32
CA ASN B 338 7.32 7.31 7.37
C ASN B 338 6.83 7.13 5.94
N SER B 339 6.94 8.20 5.17
CA SER B 339 6.37 8.24 3.81
C SER B 339 6.93 7.14 2.90
N THR B 340 8.24 6.91 2.99
CA THR B 340 8.87 5.85 2.21
C THR B 340 8.16 4.49 2.43
N ARG B 341 7.70 4.27 3.65
CA ARG B 341 6.99 3.04 3.99
C ARG B 341 5.62 3.03 3.33
N HIS B 342 4.88 4.12 3.45
CA HIS B 342 3.63 4.25 2.72
C HIS B 342 3.83 4.00 1.23
N ALA B 343 4.83 4.67 0.65
CA ALA B 343 5.08 4.63 -0.80
C ALA B 343 5.38 3.23 -1.32
N ARG B 344 6.28 2.54 -0.62
CA ARG B 344 6.65 1.17 -0.98
C ARG B 344 5.42 0.27 -0.96
N ALA B 345 4.63 0.40 0.09
CA ALA B 345 3.41 -0.39 0.24
C ALA B 345 2.51 -0.16 -0.96
N VAL B 346 2.35 1.12 -1.29
CA VAL B 346 1.45 1.53 -2.37
C VAL B 346 1.87 0.98 -3.73
N THR B 347 3.10 1.25 -4.11
CA THR B 347 3.60 0.84 -5.41
C THR B 347 3.73 -0.67 -5.48
N GLY B 348 4.19 -1.26 -4.38
CA GLY B 348 4.21 -2.72 -4.26
C GLY B 348 2.88 -3.35 -4.64
N ALA B 349 1.81 -2.80 -4.07
CA ALA B 349 0.45 -3.25 -4.36
C ALA B 349 0.08 -3.10 -5.83
N ALA B 350 0.33 -1.91 -6.37
CA ALA B 350 0.06 -1.62 -7.78
C ALA B 350 0.75 -2.64 -8.71
N ILE B 351 2.06 -2.76 -8.55
CA ILE B 351 2.86 -3.68 -9.36
C ILE B 351 2.43 -5.13 -9.16
N ALA B 352 2.16 -5.51 -7.92
CA ALA B 352 1.74 -6.89 -7.62
C ALA B 352 0.46 -7.21 -8.39
N SER B 353 -0.47 -6.25 -8.41
CA SER B 353 -1.75 -6.41 -9.11
C SER B 353 -1.54 -6.69 -10.60
N VAL B 354 -0.43 -6.24 -11.15
CA VAL B 354 -0.10 -6.46 -12.55
C VAL B 354 0.59 -7.82 -12.77
N VAL B 355 1.69 -8.05 -12.05
CA VAL B 355 2.50 -9.28 -12.23
C VAL B 355 2.00 -10.49 -11.41
N GLY B 356 1.11 -10.24 -10.46
CA GLY B 356 0.37 -11.30 -9.77
C GLY B 356 0.89 -11.72 -8.41
N HIS B 357 1.93 -11.04 -7.93
CA HIS B 357 2.48 -11.34 -6.59
C HIS B 357 3.39 -10.22 -6.10
N GLY B 358 3.82 -10.32 -4.85
CA GLY B 358 4.55 -9.23 -4.20
C GLY B 358 6.06 -9.33 -4.14
N MET B 359 6.64 -10.38 -4.70
CA MET B 359 8.09 -10.56 -4.74
C MET B 359 8.74 -9.75 -5.86
N VAL B 360 8.84 -8.45 -5.60
CA VAL B 360 9.42 -7.49 -6.52
C VAL B 360 10.25 -6.51 -5.75
N TYR B 361 11.14 -5.84 -6.47
CA TYR B 361 12.02 -4.86 -5.88
C TYR B 361 11.41 -3.48 -5.97
N VAL B 362 10.88 -3.02 -4.85
CA VAL B 362 10.36 -1.67 -4.75
C VAL B 362 11.14 -0.96 -3.67
N SER B 363 11.72 0.18 -4.05
CA SER B 363 12.48 1.01 -3.13
C SER B 363 11.79 2.37 -3.01
N GLY B 364 11.93 2.98 -1.85
CA GLY B 364 11.21 4.21 -1.53
C GLY B 364 12.09 5.44 -1.61
N GLY B 365 11.47 6.57 -1.89
CA GLY B 365 12.18 7.84 -1.94
C GLY B 365 12.84 8.04 -3.30
N ALA B 366 12.12 8.69 -4.18
CA ALA B 366 12.50 8.83 -5.59
C ALA B 366 12.88 10.27 -5.88
N GLU B 367 13.66 10.83 -4.98
CA GLU B 367 14.12 12.20 -5.11
C GLU B 367 15.06 12.31 -6.30
N HIS B 368 14.65 13.10 -7.30
CA HIS B 368 15.39 13.25 -8.56
C HIS B 368 15.50 11.95 -9.31
N GLN B 369 14.50 11.10 -9.12
CA GLN B 369 14.44 9.81 -9.77
C GLN B 369 13.09 9.77 -10.46
N GLY B 370 13.13 9.99 -11.77
CA GLY B 370 11.92 10.15 -12.54
C GLY B 370 11.15 11.34 -12.01
N PRO B 371 9.85 11.41 -12.35
CA PRO B 371 9.00 12.53 -11.95
C PRO B 371 8.90 12.67 -10.44
N ALA B 372 8.63 13.88 -9.99
CA ALA B 372 8.25 14.09 -8.60
C ALA B 372 6.92 13.35 -8.37
N GLY B 373 6.85 12.57 -7.29
CA GLY B 373 5.69 11.71 -7.01
C GLY B 373 5.74 10.37 -7.74
N GLY B 374 6.63 10.28 -8.73
CA GLY B 374 6.82 9.07 -9.51
C GLY B 374 8.24 8.56 -9.41
N GLY B 375 8.51 7.49 -10.15
CA GLY B 375 9.86 6.92 -10.19
C GLY B 375 10.12 6.03 -11.39
N PRO B 376 11.41 5.75 -11.66
CA PRO B 376 11.77 4.86 -12.74
C PRO B 376 11.68 3.44 -12.29
N PHE B 377 11.42 2.55 -13.24
CA PHE B 377 11.38 1.14 -12.95
C PHE B 377 11.94 0.39 -14.13
N ALA B 378 12.27 -0.88 -13.92
CA ALA B 378 12.80 -1.72 -14.99
C ALA B 378 12.34 -3.17 -14.82
N VAL B 379 12.25 -3.86 -15.95
CA VAL B 379 11.79 -5.25 -16.00
C VAL B 379 12.85 -6.11 -16.66
N ILE B 380 13.10 -7.26 -16.07
CA ILE B 380 14.04 -8.21 -16.64
C ILE B 380 13.27 -9.47 -16.98
N ALA B 381 13.29 -9.82 -18.26
CA ALA B 381 12.55 -10.98 -18.77
C ALA B 381 13.44 -11.90 -19.60
N ARG B 382 12.98 -13.14 -19.75
CA ARG B 382 13.62 -14.12 -20.63
C ARG B 382 13.57 -13.60 -22.04
N ALA B 383 14.64 -13.84 -22.78
CA ALA B 383 14.73 -13.41 -24.18
C ALA B 383 13.64 -14.09 -25.03
MG MG C . -12.25 -12.04 4.88
N1 BR8 D . -11.90 0.52 12.38
C2 BR8 D . -11.22 1.59 11.85
O2 BR8 D . -11.18 2.68 12.40
N3 BR8 D . -10.59 1.38 10.65
C4 BR8 D . -10.70 0.21 9.92
O4 BR8 D . -10.49 0.15 8.72
C5 BR8 D . -11.05 -1.01 10.70
C6 BR8 D . -11.65 -0.78 12.04
O8 BR8 D . -11.92 -1.75 12.76
MG MG E . 10.98 11.18 -8.43
C1 PEG F . -0.08 -13.93 -13.03
O1 PEG F . -1.08 -14.94 -13.25
C2 PEG F . -0.57 -12.53 -13.41
O2 PEG F . -1.74 -12.19 -12.66
C3 PEG F . -2.09 -10.81 -12.82
C4 PEG F . -3.37 -10.43 -12.06
O4 PEG F . -4.33 -11.49 -12.06
C1 PEG G . 7.07 -12.19 -12.27
O1 PEG G . 7.95 -11.31 -11.55
C2 PEG G . 6.72 -13.47 -11.51
O2 PEG G . 6.68 -14.71 -12.20
C3 PEG G . 6.03 -15.74 -11.41
C4 PEG G . 7.02 -16.66 -10.70
O4 PEG G . 6.45 -17.25 -9.52
N1 BR8 H . 16.61 2.77 1.96
C2 BR8 H . 16.00 3.62 1.07
O2 BR8 H . 16.29 4.79 0.98
N3 BR8 H . 15.05 3.05 0.26
C4 BR8 H . 14.33 1.92 0.57
O4 BR8 H . 13.35 1.54 -0.04
C5 BR8 H . 14.84 1.15 1.73
C6 BR8 H . 16.26 1.46 2.08
O8 BR8 H . 16.98 0.57 2.47
#